data_3DCO
#
_entry.id   3DCO
#
_cell.length_a   1.000
_cell.length_b   1.000
_cell.length_c   1.000
_cell.angle_alpha   90.00
_cell.angle_beta   90.00
_cell.angle_gamma   90.00
#
_symmetry.space_group_name_H-M   'P 1'
#
loop_
_entity.id
_entity.type
_entity.pdbx_description
1 polymer 'Kinesin-like protein Nod'
2 polymer 'Bovine Alpha Tubulin'
3 polymer 'Bovine Beta Tubulin'
4 non-polymer 'MAGNESIUM ION'
5 non-polymer "ADENOSINE-5'-DIPHOSPHATE"
6 non-polymer 'ZINC ION'
7 non-polymer "GUANOSINE-5'-TRIPHOSPHATE"
8 non-polymer "GUANOSINE-5'-DIPHOSPHATE"
9 non-polymer TAXOL
#
loop_
_entity_poly.entity_id
_entity_poly.type
_entity_poly.pdbx_seq_one_letter_code
_entity_poly.pdbx_strand_id
1 'polypeptide(L)'
;MASDYKDDDDKRRRGMEGAKLSAVRIAVREAPYRQFLGRREPSVVQFPPWSDGKSLIVDQNEFHFDHAFPATISQDEMYQ
ALILPLVDKLLEGFQCTALAYGQTGTGKSYSMGMTPPGEILPEHLGILPRALGDIFERVTARQENNKDAIQVYASFIEIY
NEKPFDLLGSTPHMPMVAARCQRCTCLPLHSQADLHHILELGTRNRRVRPTNMNSNSSRSHAIVTIHVKSKTHHSRMNIV
DLAGSEGVRRTGHEGVARQEGVNINLGLLSINKVVMSMAAGHTVIPYRDSVLTTVLQASLTAQSYLTFLACISPHQCDLS
ETLSTLRFGTSAKAAALEHHHHHH
;
N
2 'polypeptide(L)'
;MRECISIHVGQAGVQIGNACWELYCLEHGIQPDGQMPSDKTIGGGDDSFNTFFSETGAGKHVPRAVFVDLEPTVIDEVRT
GTYRQLFHPEQLITGKEDAANNYARGHYTIGKEIIDLVLDRIRKLADQCTGLQGFSVFHSFGGGTGSGFTSLLMERLSVD
YGKKSKLEFSIYPAPQVSTAVVEPYNSILTTHTTLEHSDCAFMVDNEAIYDICRRNLDIERPTYTNLNRLIGQIVSSITA
SLRFDGALNVDLTEFQTNLVPYPRGHFPLATYAPVISAEKAYHEQLSVAEITNACFEPANQMVKCDPRHGKYMACCLLYR
GDVVPKDVNAAIATIKTKRTIQFVDWCPTGFKVGINYEPPTVVPGGDLAKVQRAVCMLSNTTAIAEAWARLDHKFDLMYA
KRAFVHWYVGEGMEEGEFSEAREDMAALEKDYEEVGVDSVEGEGEEEGEEY
;
A
3 'polypeptide(L)'
;MREIVHIQAGQCGNQIGAKFWEVISDEHGIDPTGSYHGDSDLQLERINVYYNEAAGNKYVPRAILVDLEPGTMDSVRSGP
FGQIFRPDNFVFGQSGAGNNWAKGHYTEGAELVDSVLDVVRKESESCDCLQGFQLTHSLGGGTGSGMGTLLISKIREEYP
DRIMNTFSVVPSPKVSDTVVEPYNATLSVHQLVENTDETYCIDNEALYDICFRTLKLTTPTYGDLNHLVSATMSGVTTCL
RFPGQLNADLRKLAVNMVPFPRLHFFMPGFAPLTSRGSQQYRALTVPELTQQMFDAKNMMAACDPRHGRYLTVAAVFRGR
MSMKEVDEQMLNVQNKNSSYFVEWIPNNVKTAVCDIPPRGLKMSATFIGNSTAIQELFKRISEQFTAMFRRKAFLHWYTG
EGMDEMEFTEAESNMNDLVSEYQQYQDATADEQGEFEEEGEEDEA
;
B
#
# COMPACT_ATOMS: atom_id res chain seq x y z
N ALA A 19 24.43 -1.77 -6.64
CA ALA A 19 24.99 -0.89 -5.57
C ALA A 19 24.22 0.43 -5.50
N LYS A 20 24.85 1.43 -4.89
CA LYS A 20 24.24 2.74 -4.74
C LYS A 20 24.80 3.73 -5.75
N LEU A 21 24.12 4.87 -5.91
CA LEU A 21 24.56 5.91 -6.83
C LEU A 21 25.76 6.60 -6.19
N SER A 22 26.60 7.26 -6.99
CA SER A 22 27.76 7.95 -6.45
C SER A 22 27.35 9.18 -5.66
N ALA A 23 26.28 9.84 -6.10
CA ALA A 23 25.81 11.03 -5.42
C ALA A 23 24.45 11.48 -5.93
N VAL A 24 23.55 11.80 -5.00
CA VAL A 24 22.23 12.29 -5.35
C VAL A 24 22.16 13.67 -4.70
N ARG A 25 22.09 14.71 -5.53
CA ARG A 25 22.08 16.08 -5.05
C ARG A 25 20.76 16.80 -5.35
N ILE A 26 20.36 17.72 -4.47
CA ILE A 26 19.13 18.47 -4.66
C ILE A 26 19.38 19.97 -4.51
N ALA A 27 18.95 20.72 -5.52
CA ALA A 27 19.11 22.15 -5.52
C ALA A 27 17.76 22.81 -5.77
N VAL A 28 17.60 24.03 -5.28
CA VAL A 28 16.37 24.80 -5.49
C VAL A 28 16.76 26.14 -6.07
N ARG A 29 16.00 26.58 -7.06
CA ARG A 29 16.23 27.87 -7.68
C ARG A 29 14.95 28.67 -7.67
N GLU A 30 15.01 29.85 -7.06
CA GLU A 30 13.87 30.73 -6.96
C GLU A 30 13.74 31.49 -8.29
N ALA A 31 12.55 31.48 -8.88
CA ALA A 31 12.33 32.18 -10.14
C ALA A 31 12.27 33.68 -9.85
N PRO A 32 12.48 34.53 -10.88
CA PRO A 32 12.44 35.99 -10.72
C PRO A 32 11.09 36.46 -10.22
N TYR A 33 11.08 37.52 -9.44
CA TYR A 33 9.84 38.06 -8.92
C TYR A 33 9.23 39.05 -9.91
N ARG A 34 7.93 38.88 -10.18
CA ARG A 34 7.21 39.75 -11.11
C ARG A 34 6.76 41.03 -10.42
N PRO A 42 6.07 40.75 -2.25
CA PRO A 42 6.75 40.02 -1.16
C PRO A 42 6.94 38.54 -1.47
N SER A 43 8.19 38.14 -1.69
CA SER A 43 8.49 36.75 -2.01
C SER A 43 8.15 35.82 -0.85
N VAL A 44 7.53 34.69 -1.16
CA VAL A 44 7.17 33.72 -0.15
C VAL A 44 8.41 32.94 0.24
N VAL A 45 9.46 33.08 -0.56
CA VAL A 45 10.71 32.37 -0.31
C VAL A 45 11.62 33.24 0.55
N GLN A 46 12.02 32.69 1.69
CA GLN A 46 12.89 33.43 2.58
C GLN A 46 14.22 32.75 2.75
N PHE A 47 15.29 33.49 2.56
CA PHE A 47 16.62 32.98 2.75
C PHE A 47 17.09 33.59 4.08
N PRO A 48 17.12 32.79 5.15
CA PRO A 48 17.54 33.24 6.48
C PRO A 48 18.83 34.05 6.48
N PRO A 49 18.86 35.16 7.25
CA PRO A 49 20.05 36.02 7.34
C PRO A 49 21.29 35.22 7.74
N TRP A 50 21.08 34.22 8.60
CA TRP A 50 22.16 33.35 9.04
C TRP A 50 21.82 31.95 8.59
N SER A 51 22.60 31.43 7.66
CA SER A 51 22.35 30.09 7.15
C SER A 51 23.58 29.63 6.39
N ASP A 52 23.56 28.36 6.01
CA ASP A 52 24.67 27.75 5.30
C ASP A 52 24.56 27.93 3.78
N GLY A 53 23.57 28.69 3.34
CA GLY A 53 23.38 28.91 1.92
C GLY A 53 22.67 27.77 1.23
N LYS A 54 22.16 26.82 2.01
CA LYS A 54 21.47 25.66 1.46
C LYS A 54 20.07 25.52 2.01
N SER A 55 19.64 26.54 2.75
CA SER A 55 18.35 26.52 3.41
C SER A 55 17.41 27.63 3.00
N LEU A 56 16.12 27.36 3.17
CA LEU A 56 15.11 28.34 2.85
C LEU A 56 13.87 28.07 3.68
N ILE A 57 13.04 29.09 3.81
CA ILE A 57 11.83 28.98 4.59
C ILE A 57 10.67 29.43 3.74
N VAL A 58 9.65 28.58 3.67
CA VAL A 58 8.45 28.88 2.90
C VAL A 58 7.28 28.49 3.77
N ASP A 59 6.36 29.44 3.95
CA ASP A 59 5.17 29.24 4.77
C ASP A 59 5.55 28.66 6.13
N GLN A 60 6.57 29.24 6.75
CA GLN A 60 7.08 28.83 8.06
C GLN A 60 7.75 27.46 8.10
N ASN A 61 7.88 26.84 6.94
CA ASN A 61 8.54 25.54 6.85
C ASN A 61 9.98 25.73 6.45
N GLU A 62 10.87 25.01 7.13
CA GLU A 62 12.29 25.12 6.83
C GLU A 62 12.75 23.97 5.95
N PHE A 63 13.40 24.30 4.85
CA PHE A 63 13.89 23.29 3.91
C PHE A 63 15.40 23.33 3.79
N HIS A 64 16.02 22.15 3.77
CA HIS A 64 17.47 22.04 3.67
C HIS A 64 17.89 21.13 2.54
N PHE A 65 18.62 21.67 1.58
CA PHE A 65 19.09 20.88 0.47
C PHE A 65 20.59 21.04 0.29
N ASP A 66 21.10 20.77 -0.91
CA ASP A 66 22.52 20.91 -1.16
C ASP A 66 22.86 22.28 -1.72
N HIS A 67 21.86 22.93 -2.32
CA HIS A 67 22.02 24.25 -2.92
C HIS A 67 20.70 24.99 -2.86
N ALA A 68 20.75 26.27 -2.48
CA ALA A 68 19.55 27.09 -2.45
C ALA A 68 19.94 28.38 -3.16
N PHE A 69 19.47 28.53 -4.40
CA PHE A 69 19.79 29.68 -5.25
C PHE A 69 18.70 30.74 -5.32
N PRO A 70 18.99 31.96 -4.85
CA PRO A 70 17.98 33.02 -4.90
C PRO A 70 17.81 33.51 -6.34
N ALA A 71 16.76 34.29 -6.59
CA ALA A 71 16.49 34.79 -7.93
C ALA A 71 17.65 35.60 -8.54
N THR A 72 18.60 36.01 -7.71
CA THR A 72 19.73 36.81 -8.20
C THR A 72 20.89 35.99 -8.76
N ILE A 73 20.86 34.68 -8.57
CA ILE A 73 21.95 33.83 -9.06
C ILE A 73 21.95 33.75 -10.59
N SER A 74 23.11 33.99 -11.20
CA SER A 74 23.21 33.94 -12.65
C SER A 74 23.31 32.50 -13.15
N GLN A 75 23.16 32.33 -14.46
CA GLN A 75 23.26 31.02 -15.10
C GLN A 75 24.66 30.47 -14.89
N ASP A 76 25.67 31.32 -15.09
CA ASP A 76 27.06 30.90 -14.92
C ASP A 76 27.31 30.33 -13.53
N GLU A 77 26.90 31.06 -12.49
CA GLU A 77 27.09 30.59 -11.13
C GLU A 77 26.37 29.27 -10.86
N MET A 78 25.11 29.22 -11.26
CA MET A 78 24.32 28.01 -11.06
C MET A 78 24.95 26.82 -11.74
N TYR A 79 25.41 27.01 -12.98
CA TYR A 79 26.05 25.94 -13.74
C TYR A 79 27.36 25.51 -13.08
N GLN A 80 28.19 26.50 -12.73
CA GLN A 80 29.47 26.22 -12.10
C GLN A 80 29.31 25.45 -10.79
N ALA A 81 28.33 25.82 -9.98
CA ALA A 81 28.12 25.16 -8.69
C ALA A 81 27.46 23.80 -8.79
N LEU A 82 26.48 23.70 -9.67
CA LEU A 82 25.70 22.47 -9.77
C LEU A 82 26.05 21.46 -10.83
N ILE A 83 26.44 21.93 -12.01
CA ILE A 83 26.70 21.01 -13.11
C ILE A 83 28.15 20.77 -13.49
N LEU A 84 28.95 21.84 -13.49
CA LEU A 84 30.36 21.70 -13.86
C LEU A 84 31.04 20.49 -13.20
N PRO A 85 30.82 20.28 -11.90
CA PRO A 85 31.44 19.13 -11.22
C PRO A 85 31.11 17.79 -11.89
N LEU A 86 29.93 17.70 -12.49
CA LEU A 86 29.51 16.47 -13.16
C LEU A 86 30.27 16.22 -14.47
N VAL A 87 30.79 17.28 -15.06
CA VAL A 87 31.51 17.13 -16.33
C VAL A 87 32.68 16.16 -16.20
N ASP A 88 33.47 16.29 -15.15
CA ASP A 88 34.58 15.36 -14.98
C ASP A 88 34.08 13.93 -14.82
N LYS A 89 32.99 13.76 -14.08
CA LYS A 89 32.44 12.43 -13.86
C LYS A 89 32.02 11.82 -15.19
N LEU A 90 31.34 12.61 -16.01
CA LEU A 90 30.90 12.15 -17.32
C LEU A 90 32.10 11.67 -18.12
N LEU A 91 33.16 12.47 -18.16
CA LEU A 91 34.37 12.13 -18.90
C LEU A 91 35.05 10.89 -18.32
N GLU A 92 34.87 10.66 -17.03
CA GLU A 92 35.48 9.50 -16.39
C GLU A 92 34.66 8.24 -16.68
N GLY A 93 33.50 8.42 -17.30
CA GLY A 93 32.66 7.29 -17.64
C GLY A 93 31.41 7.08 -16.81
N PHE A 94 31.14 7.96 -15.86
CA PHE A 94 29.94 7.81 -15.05
C PHE A 94 28.72 8.44 -15.72
N GLN A 95 27.56 7.80 -15.55
CA GLN A 95 26.32 8.30 -16.13
C GLN A 95 25.88 9.47 -15.22
N CYS A 96 25.37 10.53 -15.83
CA CYS A 96 24.95 11.72 -15.08
C CYS A 96 23.58 12.22 -15.54
N THR A 97 22.76 12.64 -14.58
CA THR A 97 21.43 13.16 -14.88
C THR A 97 21.16 14.44 -14.08
N ALA A 98 20.75 15.49 -14.78
CA ALA A 98 20.42 16.75 -14.13
C ALA A 98 18.96 16.95 -14.55
N LEU A 99 18.08 16.99 -13.55
CA LEU A 99 16.66 17.11 -13.82
C LEU A 99 15.99 18.30 -13.16
N ALA A 100 15.31 19.10 -13.98
CA ALA A 100 14.59 20.26 -13.50
C ALA A 100 13.12 19.88 -13.38
N TYR A 101 12.51 20.27 -12.27
CA TYR A 101 11.10 19.98 -12.06
C TYR A 101 10.49 21.14 -11.31
N GLY A 102 9.17 21.17 -11.28
CA GLY A 102 8.49 22.24 -10.60
C GLY A 102 7.39 22.84 -11.46
N GLN A 103 6.70 23.82 -10.91
CA GLN A 103 5.60 24.50 -11.58
C GLN A 103 5.94 25.19 -12.90
N THR A 104 4.98 25.18 -13.82
CA THR A 104 5.18 25.84 -15.10
C THR A 104 5.48 27.31 -14.86
N GLY A 105 6.44 27.84 -15.61
CA GLY A 105 6.80 29.24 -15.50
C GLY A 105 7.81 29.59 -14.41
N THR A 106 8.46 28.58 -13.83
CA THR A 106 9.42 28.82 -12.76
C THR A 106 10.88 28.79 -13.22
N GLY A 107 11.10 28.66 -14.53
CA GLY A 107 12.46 28.68 -15.04
C GLY A 107 13.14 27.37 -15.38
N LYS A 108 12.39 26.27 -15.45
CA LYS A 108 12.98 24.98 -15.76
C LYS A 108 13.69 25.00 -17.12
N SER A 109 12.97 25.35 -18.18
CA SER A 109 13.56 25.37 -19.52
C SER A 109 14.70 26.38 -19.62
N TYR A 110 14.50 27.53 -18.98
CA TYR A 110 15.52 28.58 -18.95
C TYR A 110 16.81 28.03 -18.31
N SER A 111 16.67 27.39 -17.15
CA SER A 111 17.82 26.86 -16.41
C SER A 111 18.56 25.74 -17.15
N MET A 112 17.81 24.83 -17.77
CA MET A 112 18.44 23.71 -18.45
C MET A 112 19.00 24.08 -19.82
N GLY A 113 18.55 25.21 -20.36
CA GLY A 113 19.03 25.66 -21.66
C GLY A 113 18.42 24.90 -22.82
N MET A 114 17.10 24.73 -22.78
CA MET A 114 16.36 24.01 -23.81
C MET A 114 16.09 24.80 -25.07
N THR A 115 16.28 26.12 -25.00
CA THR A 115 16.06 26.98 -26.15
C THR A 115 17.32 27.05 -27.00
N PRO A 116 17.16 27.05 -28.34
CA PRO A 116 18.31 27.11 -29.24
C PRO A 116 19.26 28.25 -28.87
N PRO A 117 20.52 27.93 -28.56
CA PRO A 117 21.55 28.89 -28.16
C PRO A 117 21.64 30.13 -29.05
N GLY A 118 21.57 29.93 -30.37
CA GLY A 118 21.64 31.04 -31.29
C GLY A 118 20.73 32.20 -30.94
N GLU A 119 19.50 31.88 -30.56
CA GLU A 119 18.52 32.91 -30.20
C GLU A 119 18.46 33.16 -28.69
N ILE A 120 19.63 33.22 -28.06
CA ILE A 120 19.72 33.45 -26.62
C ILE A 120 20.93 34.32 -26.28
N LEU A 121 20.74 35.34 -25.46
CA LEU A 121 21.85 36.19 -25.06
C LEU A 121 22.84 35.40 -24.22
N PRO A 122 24.14 35.66 -24.39
CA PRO A 122 25.24 35.00 -23.68
C PRO A 122 25.02 34.71 -22.19
N GLU A 123 24.69 35.72 -21.41
CA GLU A 123 24.48 35.55 -19.97
C GLU A 123 23.26 34.71 -19.61
N HIS A 124 22.38 34.50 -20.58
CA HIS A 124 21.15 33.74 -20.36
C HIS A 124 21.25 32.28 -20.81
N LEU A 125 22.39 31.93 -21.41
CA LEU A 125 22.60 30.56 -21.87
C LEU A 125 22.48 29.62 -20.68
N GLY A 126 21.78 28.50 -20.90
CA GLY A 126 21.56 27.53 -19.85
C GLY A 126 22.57 26.40 -19.68
N ILE A 127 22.16 25.40 -18.92
CA ILE A 127 23.03 24.26 -18.62
C ILE A 127 23.51 23.47 -19.82
N LEU A 128 22.63 23.13 -20.76
CA LEU A 128 23.03 22.36 -21.92
C LEU A 128 24.20 22.94 -22.70
N PRO A 129 24.06 24.19 -23.19
CA PRO A 129 25.17 24.77 -23.95
C PRO A 129 26.46 24.94 -23.15
N ARG A 130 26.33 25.24 -21.86
CA ARG A 130 27.53 25.42 -21.03
C ARG A 130 28.23 24.09 -20.81
N ALA A 131 27.46 23.05 -20.55
CA ALA A 131 28.03 21.73 -20.33
C ALA A 131 28.75 21.25 -21.58
N LEU A 132 28.09 21.35 -22.73
CA LEU A 132 28.69 20.91 -23.98
C LEU A 132 30.01 21.64 -24.21
N GLY A 133 30.04 22.93 -23.90
CA GLY A 133 31.25 23.71 -24.07
C GLY A 133 32.41 23.15 -23.27
N ASP A 134 32.19 22.85 -22.00
CA ASP A 134 33.25 22.30 -21.16
C ASP A 134 33.63 20.87 -21.54
N ILE A 135 32.67 20.13 -22.09
CA ILE A 135 32.91 18.76 -22.52
C ILE A 135 33.89 18.79 -23.71
N PHE A 136 33.61 19.65 -24.69
CA PHE A 136 34.48 19.76 -25.86
C PHE A 136 35.88 20.18 -25.43
N GLU A 137 35.95 21.20 -24.59
CA GLU A 137 37.22 21.71 -24.11
C GLU A 137 38.10 20.64 -23.47
N ARG A 138 37.53 19.86 -22.56
CA ARG A 138 38.28 18.82 -21.90
C ARG A 138 38.62 17.66 -22.82
N VAL A 139 37.75 17.40 -23.79
CA VAL A 139 38.00 16.33 -24.76
C VAL A 139 39.15 16.73 -25.68
N THR A 140 39.22 18.01 -26.03
CA THR A 140 40.27 18.51 -26.90
C THR A 140 41.59 18.65 -26.15
N ALA A 141 41.51 18.77 -24.84
CA ALA A 141 42.71 18.92 -24.01
C ALA A 141 43.27 17.56 -23.62
N ARG A 142 42.45 16.52 -23.73
CA ARG A 142 42.87 15.17 -23.39
C ARG A 142 42.93 14.28 -24.62
N GLN A 143 42.93 14.89 -25.81
CA GLN A 143 42.98 14.14 -27.05
C GLN A 143 44.42 13.94 -27.52
N GLU A 144 45.38 14.07 -26.60
CA GLU A 144 46.79 13.87 -26.93
C GLU A 144 47.48 12.95 -25.93
N ASN A 145 46.86 12.82 -24.76
CA ASN A 145 47.31 11.92 -23.71
C ASN A 145 46.04 11.08 -23.66
N ASN A 146 45.55 10.85 -24.88
CA ASN A 146 44.38 10.07 -25.19
C ASN A 146 44.65 8.58 -25.34
N LYS A 147 43.80 7.78 -24.73
CA LYS A 147 43.94 6.33 -24.81
C LYS A 147 43.25 5.91 -26.09
N ASP A 148 41.99 6.31 -26.20
CA ASP A 148 41.15 6.06 -27.35
C ASP A 148 40.58 7.41 -27.78
N ALA A 149 39.81 7.44 -28.88
CA ALA A 149 39.23 8.68 -29.35
C ALA A 149 37.82 8.80 -28.77
N ILE A 150 37.37 10.02 -28.55
CA ILE A 150 36.04 10.26 -27.99
C ILE A 150 35.17 10.98 -29.02
N GLN A 151 33.90 10.59 -29.08
CA GLN A 151 32.97 11.25 -29.99
C GLN A 151 31.76 11.67 -29.17
N VAL A 152 31.20 12.82 -29.52
CA VAL A 152 30.05 13.37 -28.80
C VAL A 152 28.78 13.39 -29.65
N TYR A 153 27.66 13.07 -29.02
CA TYR A 153 26.38 13.05 -29.72
C TYR A 153 25.29 13.61 -28.82
N ALA A 154 24.13 13.82 -29.40
CA ALA A 154 22.98 14.33 -28.65
C ALA A 154 21.73 13.61 -29.11
N SER A 155 20.86 13.28 -28.16
CA SER A 155 19.58 12.65 -28.46
C SER A 155 18.55 13.56 -27.82
N PHE A 156 17.35 13.60 -28.40
CA PHE A 156 16.27 14.44 -27.89
C PHE A 156 15.00 13.60 -27.84
N ILE A 157 14.60 13.24 -26.63
CA ILE A 157 13.41 12.43 -26.42
C ILE A 157 12.34 13.22 -25.68
N GLU A 158 11.09 13.02 -26.08
CA GLU A 158 9.96 13.67 -25.45
C GLU A 158 9.03 12.60 -24.92
N ILE A 159 8.49 12.82 -23.71
CA ILE A 159 7.56 11.87 -23.10
C ILE A 159 6.22 12.59 -22.98
N TYR A 160 5.30 12.25 -23.89
CA TYR A 160 3.96 12.83 -23.92
C TYR A 160 2.97 11.77 -23.45
N ASN A 161 2.28 12.05 -22.35
CA ASN A 161 1.30 11.11 -21.80
C ASN A 161 1.88 9.71 -21.63
N GLU A 162 3.01 9.64 -20.93
CA GLU A 162 3.69 8.37 -20.68
C GLU A 162 3.99 7.57 -21.94
N LYS A 163 4.54 8.24 -22.94
CA LYS A 163 4.91 7.61 -24.20
C LYS A 163 6.14 8.29 -24.76
N PRO A 164 7.23 7.53 -24.98
CA PRO A 164 8.49 8.05 -25.51
C PRO A 164 8.44 8.33 -27.01
N PHE A 165 9.01 9.48 -27.39
CA PHE A 165 9.06 9.92 -28.79
C PHE A 165 10.47 10.39 -29.15
N ASP A 166 11.00 9.89 -30.26
CA ASP A 166 12.32 10.27 -30.73
C ASP A 166 12.18 11.51 -31.61
N LEU A 167 12.53 12.66 -31.06
CA LEU A 167 12.40 13.93 -31.78
C LEU A 167 13.46 14.19 -32.85
N LEU A 168 14.44 13.31 -32.98
CA LEU A 168 15.48 13.49 -33.98
C LEU A 168 15.43 12.43 -35.09
N GLY A 169 14.44 11.56 -35.02
CA GLY A 169 14.29 10.51 -36.02
C GLY A 169 13.34 10.92 -37.13
N SER A 170 12.99 9.97 -38.00
CA SER A 170 12.09 10.23 -39.12
C SER A 170 10.63 10.16 -38.70
N THR A 171 10.37 9.57 -37.55
CA THR A 171 9.01 9.44 -37.04
C THR A 171 8.90 10.01 -35.63
N PRO A 172 9.07 11.34 -35.50
CA PRO A 172 9.00 12.01 -34.19
C PRO A 172 7.61 11.96 -33.55
N HIS A 173 6.61 11.57 -34.32
CA HIS A 173 5.25 11.49 -33.81
C HIS A 173 4.79 10.04 -33.64
N MET A 174 5.75 9.14 -33.55
CA MET A 174 5.46 7.72 -33.38
C MET A 174 6.03 7.20 -32.06
N PRO A 175 5.19 6.59 -31.22
CA PRO A 175 5.59 6.04 -29.93
C PRO A 175 6.69 5.00 -30.04
N MET A 176 7.50 4.86 -28.99
CA MET A 176 8.57 3.87 -28.98
C MET A 176 8.26 2.81 -27.93
N VAL A 177 8.85 1.63 -28.08
CA VAL A 177 8.61 0.54 -27.14
C VAL A 177 9.74 -0.49 -27.15
N ALA A 178 10.20 -0.86 -25.95
CA ALA A 178 11.27 -1.84 -25.80
C ALA A 178 12.54 -1.43 -26.52
N ALA A 179 12.69 -0.14 -26.77
CA ALA A 179 13.87 0.37 -27.47
C ALA A 179 14.15 1.83 -27.14
N ARG A 180 13.19 2.48 -26.46
CA ARG A 180 13.37 3.88 -26.10
C ARG A 180 14.51 4.02 -25.10
N CYS A 181 14.87 2.91 -24.47
CA CYS A 181 15.94 2.87 -23.49
C CYS A 181 17.31 3.10 -24.12
N GLN A 182 17.49 2.61 -25.34
CA GLN A 182 18.75 2.76 -26.03
C GLN A 182 18.59 3.12 -27.51
N ARG A 183 17.76 2.37 -28.21
CA ARG A 183 17.52 2.61 -29.64
C ARG A 183 16.81 3.94 -29.94
N CYS A 184 17.60 4.99 -30.15
CA CYS A 184 17.07 6.30 -30.49
C CYS A 184 18.21 7.11 -31.09
N THR A 185 17.92 7.81 -32.18
CA THR A 185 18.92 8.59 -32.88
C THR A 185 19.78 9.57 -32.10
N CYS A 186 21.09 9.41 -32.24
CA CYS A 186 22.07 10.26 -31.59
C CYS A 186 22.75 11.02 -32.72
N LEU A 187 22.58 12.34 -32.76
CA LEU A 187 23.19 13.14 -33.81
C LEU A 187 24.55 13.67 -33.35
N PRO A 188 25.53 13.69 -34.27
CA PRO A 188 26.89 14.16 -33.98
C PRO A 188 26.98 15.59 -33.45
N LEU A 189 27.92 15.84 -32.55
CA LEU A 189 28.13 17.17 -32.01
C LEU A 189 29.61 17.52 -32.10
N HIS A 190 29.90 18.61 -32.80
CA HIS A 190 31.28 19.07 -32.97
C HIS A 190 31.43 20.51 -32.52
N SER A 191 30.31 21.19 -32.35
CA SER A 191 30.31 22.60 -31.94
C SER A 191 28.92 23.02 -31.46
N GLN A 192 28.84 24.23 -30.90
CA GLN A 192 27.57 24.76 -30.41
C GLN A 192 26.53 24.82 -31.52
N ALA A 193 26.99 25.08 -32.74
CA ALA A 193 26.09 25.16 -33.87
C ALA A 193 25.30 23.87 -34.01
N ASP A 194 25.97 22.73 -33.84
CA ASP A 194 25.30 21.44 -33.96
C ASP A 194 24.24 21.28 -32.87
N LEU A 195 24.55 21.76 -31.67
CA LEU A 195 23.60 21.68 -30.57
C LEU A 195 22.38 22.50 -30.96
N HIS A 196 22.63 23.67 -31.53
CA HIS A 196 21.53 24.53 -31.96
C HIS A 196 20.64 23.80 -32.96
N HIS A 197 21.26 23.05 -33.88
CA HIS A 197 20.49 22.31 -34.87
C HIS A 197 19.58 21.26 -34.24
N ILE A 198 20.13 20.42 -33.37
CA ILE A 198 19.33 19.38 -32.74
C ILE A 198 18.21 19.95 -31.88
N LEU A 199 18.47 21.07 -31.21
CA LEU A 199 17.46 21.68 -30.38
C LEU A 199 16.34 22.29 -31.22
N GLU A 200 16.73 22.91 -32.33
CA GLU A 200 15.76 23.52 -33.23
C GLU A 200 14.94 22.42 -33.91
N LEU A 201 15.62 21.38 -34.37
CA LEU A 201 14.96 20.26 -35.04
C LEU A 201 13.99 19.58 -34.08
N GLY A 202 14.47 19.28 -32.88
CA GLY A 202 13.64 18.63 -31.89
C GLY A 202 12.44 19.47 -31.48
N THR A 203 12.66 20.77 -31.33
CA THR A 203 11.59 21.68 -30.94
C THR A 203 10.47 21.71 -31.97
N ARG A 204 10.84 21.71 -33.25
CA ARG A 204 9.84 21.73 -34.30
C ARG A 204 9.03 20.44 -34.31
N ASN A 205 9.70 19.30 -34.19
CA ASN A 205 9.02 18.01 -34.20
C ASN A 205 8.33 17.70 -32.88
N ARG A 206 8.29 18.68 -31.98
CA ARG A 206 7.66 18.48 -30.69
C ARG A 206 6.21 18.97 -30.72
N ARG A 207 5.31 18.16 -30.15
CA ARG A 207 3.89 18.48 -30.12
C ARG A 207 3.53 19.28 -28.88
N SER A 218 -1.91 16.10 -20.12
CA SER A 218 -1.50 17.30 -20.86
C SER A 218 -0.10 17.72 -20.47
N ARG A 219 0.80 16.75 -20.31
CA ARG A 219 2.18 17.04 -19.92
C ARG A 219 3.20 16.53 -20.94
N SER A 220 4.23 17.35 -21.18
CA SER A 220 5.28 17.00 -22.13
C SER A 220 6.67 17.19 -21.51
N HIS A 221 7.38 16.09 -21.26
CA HIS A 221 8.71 16.14 -20.67
C HIS A 221 9.77 16.05 -21.76
N ALA A 222 10.89 16.73 -21.55
CA ALA A 222 11.98 16.70 -22.53
C ALA A 222 13.24 16.15 -21.91
N ILE A 223 13.95 15.34 -22.67
CA ILE A 223 15.19 14.74 -22.22
C ILE A 223 16.24 14.86 -23.32
N VAL A 224 17.15 15.82 -23.17
CA VAL A 224 18.22 15.99 -24.13
C VAL A 224 19.44 15.37 -23.48
N THR A 225 20.03 14.41 -24.17
CA THR A 225 21.19 13.72 -23.64
C THR A 225 22.44 13.93 -24.46
N ILE A 226 23.50 14.33 -23.76
CA ILE A 226 24.80 14.51 -24.39
C ILE A 226 25.50 13.18 -24.15
N HIS A 227 25.82 12.49 -25.25
CA HIS A 227 26.47 11.19 -25.19
C HIS A 227 27.97 11.32 -25.48
N VAL A 228 28.77 10.69 -24.62
CA VAL A 228 30.21 10.66 -24.74
C VAL A 228 30.53 9.21 -25.05
N LYS A 229 30.95 8.94 -26.27
CA LYS A 229 31.25 7.58 -26.71
C LYS A 229 32.68 7.30 -27.15
N SER A 230 33.20 6.16 -26.71
CA SER A 230 34.53 5.70 -27.08
C SER A 230 34.34 4.24 -27.47
N LYS A 231 35.39 3.63 -27.98
CA LYS A 231 35.33 2.24 -28.40
C LYS A 231 34.89 1.31 -27.28
N THR A 232 35.23 1.65 -26.05
CA THR A 232 34.89 0.80 -24.92
C THR A 232 33.99 1.44 -23.86
N HIS A 233 33.73 2.74 -23.99
CA HIS A 233 32.91 3.45 -23.01
C HIS A 233 31.80 4.30 -23.62
N HIS A 234 30.74 4.46 -22.84
CA HIS A 234 29.58 5.26 -23.23
C HIS A 234 29.01 5.87 -21.96
N SER A 235 29.14 7.18 -21.83
CA SER A 235 28.61 7.87 -20.67
C SER A 235 27.60 8.89 -21.17
N ARG A 236 26.60 9.16 -20.35
CA ARG A 236 25.54 10.07 -20.75
C ARG A 236 25.35 11.20 -19.76
N MET A 237 25.01 12.37 -20.30
CA MET A 237 24.69 13.51 -19.47
C MET A 237 23.26 13.81 -19.88
N ASN A 238 22.32 13.35 -19.07
CA ASN A 238 20.90 13.55 -19.32
C ASN A 238 20.43 14.87 -18.75
N ILE A 239 19.97 15.75 -19.61
CA ILE A 239 19.44 17.04 -19.19
C ILE A 239 17.93 16.88 -19.32
N VAL A 240 17.28 16.77 -18.18
CA VAL A 240 15.83 16.58 -18.15
C VAL A 240 15.05 17.82 -17.76
N ASP A 241 14.05 18.14 -18.57
CA ASP A 241 13.19 19.30 -18.36
C ASP A 241 11.76 18.73 -18.30
N LEU A 242 11.27 18.50 -17.09
CA LEU A 242 9.94 17.95 -16.92
C LEU A 242 8.82 18.96 -17.14
N ALA A 243 7.64 18.46 -17.47
CA ALA A 243 6.50 19.33 -17.70
C ALA A 243 6.07 19.91 -16.35
N GLY A 244 5.13 20.84 -16.36
CA GLY A 244 4.69 21.45 -15.11
C GLY A 244 4.19 20.42 -14.12
N SER A 245 4.57 20.60 -12.86
CA SER A 245 4.16 19.70 -11.79
C SER A 245 2.82 20.07 -11.18
N GLU A 246 2.27 21.21 -11.57
CA GLU A 246 0.99 21.65 -11.00
C GLU A 246 -0.15 20.71 -11.40
N GLY A 247 -1.15 20.60 -10.53
CA GLY A 247 -2.28 19.73 -10.81
C GLY A 247 -3.43 20.46 -11.49
N VAL A 248 -4.63 19.90 -11.43
CA VAL A 248 -5.81 20.51 -12.04
C VAL A 248 -5.64 20.68 -13.56
N VAL A 262 0.37 8.36 -14.71
CA VAL A 262 -0.31 8.19 -13.44
C VAL A 262 -0.06 9.37 -12.49
N ASN A 263 -0.96 10.34 -12.52
CA ASN A 263 -0.90 11.52 -11.65
C ASN A 263 0.03 12.70 -11.96
N ILE A 264 0.43 12.84 -13.22
CA ILE A 264 1.14 14.03 -13.68
C ILE A 264 2.61 13.99 -13.27
N ASN A 265 2.86 14.19 -11.98
CA ASN A 265 4.03 13.60 -11.33
C ASN A 265 3.94 12.08 -11.23
N LEU A 266 5.08 11.43 -11.02
CA LEU A 266 5.15 9.98 -11.06
C LEU A 266 6.52 9.52 -11.56
N GLY A 267 7.05 10.20 -12.57
CA GLY A 267 8.44 10.04 -12.94
C GLY A 267 9.38 10.18 -11.76
N LEU A 268 9.97 11.37 -11.61
CA LEU A 268 10.69 11.72 -10.40
C LEU A 268 10.19 10.90 -9.21
N LEU A 269 8.91 11.05 -8.89
CA LEU A 269 8.24 10.15 -7.96
C LEU A 269 8.75 8.72 -8.11
N SER A 270 8.44 8.10 -9.24
CA SER A 270 9.05 6.83 -9.61
C SER A 270 10.57 6.88 -9.44
N ILE A 271 11.17 8.05 -9.64
CA ILE A 271 12.62 8.17 -9.47
C ILE A 271 13.02 7.93 -8.02
N ASN A 272 12.24 8.46 -7.07
CA ASN A 272 12.56 8.26 -5.66
C ASN A 272 12.47 6.80 -5.28
N LYS A 273 11.49 6.10 -5.83
CA LYS A 273 11.31 4.68 -5.53
C LYS A 273 12.54 3.92 -6.02
N VAL A 274 13.01 4.30 -7.21
CA VAL A 274 14.19 3.66 -7.79
C VAL A 274 15.39 3.91 -6.88
N VAL A 275 15.57 5.15 -6.45
CA VAL A 275 16.70 5.49 -5.58
C VAL A 275 16.66 4.68 -4.29
N MET A 276 15.47 4.54 -3.70
CA MET A 276 15.30 3.79 -2.47
C MET A 276 15.52 2.29 -2.67
N SER A 277 14.89 1.75 -3.70
CA SER A 277 15.01 0.32 -4.02
C SER A 277 16.46 -0.09 -4.19
N MET A 278 17.27 0.79 -4.75
CA MET A 278 18.69 0.50 -4.96
C MET A 278 19.43 0.49 -3.63
N ALA A 279 19.14 1.47 -2.79
CA ALA A 279 19.79 1.58 -1.49
C ALA A 279 19.52 0.35 -0.63
N ALA A 280 18.24 0.00 -0.47
CA ALA A 280 17.85 -1.14 0.32
C ALA A 280 18.10 -2.45 -0.41
N GLY A 281 18.53 -2.33 -1.66
CA GLY A 281 18.80 -3.52 -2.47
C GLY A 281 17.60 -4.45 -2.54
N HIS A 282 16.53 -4.00 -3.17
CA HIS A 282 15.32 -4.81 -3.29
C HIS A 282 15.46 -5.89 -4.36
N THR A 283 16.65 -6.00 -4.95
CA THR A 283 16.91 -7.00 -5.98
C THR A 283 15.71 -7.10 -6.93
N VAL A 284 15.03 -5.97 -7.12
CA VAL A 284 14.19 -5.63 -8.26
C VAL A 284 13.89 -4.13 -8.24
N ILE A 285 14.39 -3.41 -9.25
CA ILE A 285 14.20 -1.97 -9.33
C ILE A 285 12.97 -1.62 -10.18
N PRO A 286 12.07 -0.80 -9.63
CA PRO A 286 10.84 -0.39 -10.32
C PRO A 286 11.06 0.58 -11.49
N TYR A 287 11.95 0.21 -12.40
CA TYR A 287 12.23 1.06 -13.56
C TYR A 287 11.00 1.27 -14.42
N ARG A 288 10.21 0.22 -14.59
CA ARG A 288 9.00 0.31 -15.42
C ARG A 288 7.82 1.01 -14.77
N ASP A 289 8.03 1.56 -13.57
CA ASP A 289 6.96 2.28 -12.89
C ASP A 289 6.57 3.52 -13.69
N SER A 290 7.46 3.98 -14.56
CA SER A 290 7.19 5.15 -15.40
C SER A 290 8.11 5.18 -16.60
N VAL A 291 7.69 5.90 -17.63
CA VAL A 291 8.50 6.02 -18.84
C VAL A 291 9.81 6.73 -18.53
N LEU A 292 9.76 7.72 -17.64
CA LEU A 292 10.94 8.48 -17.26
C LEU A 292 12.05 7.58 -16.71
N THR A 293 11.69 6.73 -15.75
CA THR A 293 12.68 5.84 -15.14
C THR A 293 13.09 4.71 -16.07
N THR A 294 12.29 4.47 -17.09
CA THR A 294 12.59 3.42 -18.06
C THR A 294 13.62 3.96 -19.04
N VAL A 295 13.36 5.16 -19.58
CA VAL A 295 14.28 5.79 -20.52
C VAL A 295 15.64 6.06 -19.86
N LEU A 296 15.61 6.45 -18.58
CA LEU A 296 16.85 6.75 -17.88
C LEU A 296 17.38 5.54 -17.09
N GLN A 297 16.86 4.35 -17.38
CA GLN A 297 17.29 3.15 -16.68
C GLN A 297 18.79 2.93 -16.68
N ALA A 298 19.43 3.12 -17.83
CA ALA A 298 20.87 2.94 -17.95
C ALA A 298 21.64 3.99 -17.15
N SER A 299 21.00 5.12 -16.87
CA SER A 299 21.66 6.18 -16.13
C SER A 299 21.37 6.12 -14.63
N LEU A 300 20.34 5.36 -14.27
CA LEU A 300 19.95 5.21 -12.86
C LEU A 300 20.55 3.92 -12.32
N THR A 301 21.87 3.84 -12.36
CA THR A 301 22.58 2.66 -11.90
C THR A 301 23.67 3.01 -10.89
N ALA A 302 24.34 1.99 -10.38
CA ALA A 302 25.41 2.18 -9.40
C ALA A 302 26.46 3.15 -9.89
N GLN A 303 26.97 3.95 -8.96
CA GLN A 303 28.01 4.94 -9.25
C GLN A 303 27.59 5.76 -10.46
N SER A 304 26.30 6.08 -10.56
CA SER A 304 25.80 7.14 -11.42
C SER A 304 25.48 8.36 -10.57
N TYR A 305 25.32 9.50 -11.21
CA TYR A 305 25.02 10.75 -10.52
C TYR A 305 23.65 11.30 -10.86
N LEU A 306 22.92 11.73 -9.83
CA LEU A 306 21.58 12.29 -10.01
C LEU A 306 21.47 13.63 -9.30
N THR A 307 21.12 14.67 -10.04
CA THR A 307 20.97 15.99 -9.47
C THR A 307 19.61 16.60 -9.82
N PHE A 308 18.87 16.97 -8.78
CA PHE A 308 17.54 17.57 -8.91
C PHE A 308 17.62 19.08 -8.84
N LEU A 309 16.87 19.76 -9.68
CA LEU A 309 16.82 21.21 -9.64
C LEU A 309 15.35 21.58 -9.51
N ALA A 310 14.96 21.96 -8.29
CA ALA A 310 13.58 22.36 -8.01
C ALA A 310 13.46 23.83 -8.32
N CYS A 311 12.58 24.17 -9.24
CA CYS A 311 12.38 25.55 -9.59
C CYS A 311 11.08 25.96 -8.92
N ILE A 312 11.10 27.09 -8.21
CA ILE A 312 9.92 27.57 -7.50
C ILE A 312 9.59 29.03 -7.73
N SER A 313 8.30 29.33 -7.66
CA SER A 313 7.80 30.67 -7.81
C SER A 313 7.91 31.40 -6.48
N PRO A 314 8.25 32.70 -6.52
CA PRO A 314 8.36 33.50 -5.30
C PRO A 314 7.02 34.15 -4.98
N HIS A 315 6.04 33.90 -5.84
CA HIS A 315 4.70 34.48 -5.71
C HIS A 315 3.79 33.77 -4.73
N GLN A 316 3.09 34.57 -3.92
CA GLN A 316 2.17 34.04 -2.92
C GLN A 316 1.09 33.15 -3.53
N CYS A 317 0.60 33.52 -4.72
CA CYS A 317 -0.44 32.76 -5.40
C CYS A 317 -0.01 31.35 -5.78
N ASP A 318 1.30 31.10 -5.81
CA ASP A 318 1.81 29.79 -6.16
C ASP A 318 2.33 29.04 -4.95
N LEU A 319 2.00 29.51 -3.75
CA LEU A 319 2.47 28.89 -2.51
C LEU A 319 2.28 27.39 -2.45
N SER A 320 1.08 26.93 -2.81
CA SER A 320 0.75 25.52 -2.78
C SER A 320 1.64 24.68 -3.71
N GLU A 321 1.86 25.18 -4.92
CA GLU A 321 2.69 24.47 -5.87
C GLU A 321 4.14 24.48 -5.39
N THR A 322 4.56 25.62 -4.85
CA THR A 322 5.91 25.75 -4.34
C THR A 322 6.14 24.75 -3.21
N LEU A 323 5.21 24.69 -2.26
CA LEU A 323 5.34 23.76 -1.14
C LEU A 323 5.43 22.31 -1.63
N SER A 324 4.63 21.97 -2.62
CA SER A 324 4.63 20.61 -3.16
C SER A 324 6.01 20.26 -3.74
N THR A 325 6.56 21.22 -4.46
CA THR A 325 7.86 21.05 -5.09
C THR A 325 8.96 20.90 -4.03
N LEU A 326 8.91 21.73 -3.00
CA LEU A 326 9.92 21.66 -1.95
C LEU A 326 9.77 20.38 -1.12
N ARG A 327 8.54 19.96 -0.84
CA ARG A 327 8.34 18.75 -0.05
C ARG A 327 8.92 17.56 -0.82
N PHE A 328 8.75 17.55 -2.14
CA PHE A 328 9.31 16.45 -2.91
C PHE A 328 10.84 16.44 -2.78
N GLY A 329 11.44 17.63 -2.76
CA GLY A 329 12.88 17.74 -2.63
C GLY A 329 13.35 17.11 -1.32
N THR A 330 12.59 17.33 -0.27
CA THR A 330 12.92 16.77 1.03
C THR A 330 12.86 15.25 0.96
N SER A 331 11.85 14.71 0.28
CA SER A 331 11.72 13.26 0.16
C SER A 331 12.87 12.65 -0.64
N ALA A 332 13.19 13.27 -1.78
CA ALA A 332 14.28 12.78 -2.61
C ALA A 332 15.57 12.89 -1.79
N LYS A 333 15.61 13.88 -0.92
CA LYS A 333 16.78 14.12 -0.08
C LYS A 333 17.00 12.97 0.90
N ALA A 334 15.91 12.41 1.42
CA ALA A 334 15.98 11.30 2.37
C ALA A 334 16.27 10.01 1.63
N ALA A 335 15.75 9.88 0.43
CA ALA A 335 15.97 8.69 -0.37
C ALA A 335 17.41 8.62 -0.83
N ALA A 336 18.07 9.77 -0.92
CA ALA A 336 19.45 9.84 -1.34
C ALA A 336 20.39 9.26 -0.27
N LEU A 337 19.84 8.99 0.90
CA LEU A 337 20.63 8.44 2.00
C LEU A 337 21.20 7.08 1.63
N GLU A 338 22.27 6.69 2.31
CA GLU A 338 22.93 5.42 2.08
C GLU A 338 23.63 5.38 0.72
N HIS A 339 23.66 6.52 0.04
CA HIS A 339 24.32 6.63 -1.26
C HIS A 339 25.63 7.39 -1.16
N ARG B 2 -24.20 20.77 24.62
CA ARG B 2 -24.74 19.64 25.42
C ARG B 2 -24.45 18.27 24.82
N GLU B 3 -24.68 18.13 23.52
CA GLU B 3 -24.44 16.85 22.86
C GLU B 3 -23.02 16.70 22.36
N CYS B 4 -22.76 15.57 21.69
CA CYS B 4 -21.45 15.25 21.15
C CYS B 4 -21.63 14.28 19.98
N ILE B 5 -21.56 14.79 18.76
CA ILE B 5 -21.71 13.91 17.59
C ILE B 5 -20.55 12.92 17.59
N SER B 6 -20.64 11.91 16.73
CA SER B 6 -19.60 10.91 16.62
C SER B 6 -19.47 10.43 15.19
N ILE B 7 -18.23 10.35 14.73
CA ILE B 7 -17.95 9.92 13.38
C ILE B 7 -17.06 8.69 13.42
N HIS B 8 -17.67 7.54 13.17
CA HIS B 8 -16.96 6.27 13.18
C HIS B 8 -16.35 6.05 11.81
N VAL B 9 -15.03 6.22 11.71
CA VAL B 9 -14.34 6.06 10.44
C VAL B 9 -13.45 4.83 10.33
N GLY B 10 -13.54 4.16 9.20
CA GLY B 10 -12.76 2.96 8.94
C GLY B 10 -13.54 1.72 9.35
N GLN B 11 -13.41 0.62 8.63
CA GLN B 11 -14.13 -0.58 9.00
C GLN B 11 -14.11 -0.74 10.49
N ALA B 12 -12.90 -0.80 11.06
CA ALA B 12 -12.75 -0.98 12.50
C ALA B 12 -13.59 0.03 13.29
N GLY B 13 -13.29 1.31 13.09
CA GLY B 13 -14.01 2.37 13.79
C GLY B 13 -15.51 2.19 13.67
N VAL B 14 -15.89 1.39 12.68
CA VAL B 14 -17.30 1.11 12.41
C VAL B 14 -17.75 -0.14 13.18
N GLN B 15 -16.87 -1.12 13.30
CA GLN B 15 -17.16 -2.36 14.04
C GLN B 15 -17.28 -1.98 15.51
N ILE B 16 -16.28 -1.23 15.96
CA ILE B 16 -16.24 -0.73 17.32
C ILE B 16 -17.47 0.15 17.48
N GLY B 17 -17.79 0.87 16.41
CA GLY B 17 -18.94 1.75 16.42
C GLY B 17 -20.22 0.98 16.66
N ASN B 18 -20.43 -0.04 15.85
CA ASN B 18 -21.63 -0.86 15.99
C ASN B 18 -21.73 -1.36 17.43
N ALA B 19 -20.57 -1.65 18.02
CA ALA B 19 -20.47 -2.16 19.39
C ALA B 19 -20.83 -1.11 20.44
N CYS B 20 -20.10 -0.01 20.44
CA CYS B 20 -20.34 1.07 21.37
C CYS B 20 -21.76 1.52 21.16
N TRP B 21 -22.21 1.47 19.92
CA TRP B 21 -23.57 1.88 19.63
C TRP B 21 -24.57 0.89 20.17
N GLU B 22 -24.14 -0.35 20.30
CA GLU B 22 -25.01 -1.39 20.83
C GLU B 22 -25.18 -1.15 22.32
N LEU B 23 -24.08 -1.25 23.06
CA LEU B 23 -24.13 -1.05 24.49
C LEU B 23 -25.08 0.09 24.82
N TYR B 24 -25.09 1.13 24.00
CA TYR B 24 -25.94 2.27 24.25
C TYR B 24 -27.41 1.97 24.49
N CYS B 25 -28.16 1.74 23.41
CA CYS B 25 -29.57 1.45 23.54
C CYS B 25 -29.80 0.44 24.65
N LEU B 26 -28.89 -0.52 24.74
CA LEU B 26 -28.95 -1.59 25.74
C LEU B 26 -29.14 -1.09 27.16
N GLU B 27 -28.58 0.07 27.47
CA GLU B 27 -28.67 0.66 28.80
C GLU B 27 -29.53 1.91 28.78
N HIS B 28 -30.36 2.04 27.76
CA HIS B 28 -31.26 3.18 27.62
C HIS B 28 -32.67 2.73 27.23
N GLY B 29 -32.87 1.41 27.26
CA GLY B 29 -34.17 0.83 26.95
C GLY B 29 -34.77 1.16 25.59
N ILE B 30 -33.91 1.32 24.60
CA ILE B 30 -34.35 1.64 23.26
C ILE B 30 -33.93 0.49 22.31
N GLN B 31 -34.81 -0.50 22.20
CA GLN B 31 -34.64 -1.69 21.37
C GLN B 31 -34.32 -1.35 19.91
N PRO B 32 -34.14 -2.40 19.07
CA PRO B 32 -33.82 -2.26 17.62
C PRO B 32 -34.35 -1.01 16.96
N ASP B 33 -35.67 -0.88 17.01
CA ASP B 33 -36.40 0.22 16.41
C ASP B 33 -37.09 1.08 17.49
N GLY B 34 -36.44 2.16 17.90
CA GLY B 34 -37.03 3.03 18.91
C GLY B 34 -37.38 4.42 18.39
N HIS B 61 -34.97 5.48 18.83
CA HIS B 61 -35.28 6.87 18.49
C HIS B 61 -34.57 7.20 17.19
N VAL B 62 -33.39 7.79 17.31
CA VAL B 62 -32.55 8.19 16.20
C VAL B 62 -31.14 8.39 16.79
N PRO B 63 -30.12 7.78 16.16
CA PRO B 63 -28.74 7.94 16.67
C PRO B 63 -28.32 9.40 16.68
N ARG B 64 -27.01 9.63 16.58
CA ARG B 64 -26.52 11.00 16.56
C ARG B 64 -25.08 10.94 16.08
N ALA B 65 -24.85 10.14 15.04
CA ALA B 65 -23.52 9.97 14.51
C ALA B 65 -23.52 9.59 13.03
N VAL B 66 -22.35 9.28 12.50
CA VAL B 66 -22.26 8.88 11.12
C VAL B 66 -21.25 7.76 10.93
N PHE B 67 -21.28 7.14 9.76
CA PHE B 67 -20.38 6.03 9.44
C PHE B 67 -19.69 6.18 8.09
N VAL B 68 -18.37 6.26 8.12
CA VAL B 68 -17.58 6.43 6.89
C VAL B 68 -16.63 5.28 6.56
N ASP B 69 -16.59 4.90 5.29
CA ASP B 69 -15.72 3.82 4.82
C ASP B 69 -15.67 3.82 3.29
N LEU B 70 -14.51 3.46 2.76
CA LEU B 70 -14.31 3.41 1.32
C LEU B 70 -14.41 1.97 0.81
N GLU B 71 -14.95 1.10 1.66
CA GLU B 71 -15.19 -0.29 1.32
C GLU B 71 -16.64 -0.49 1.73
N PRO B 72 -17.53 -0.59 0.75
CA PRO B 72 -18.95 -0.77 1.04
C PRO B 72 -19.32 -1.95 1.95
N THR B 73 -18.86 -3.14 1.58
CA THR B 73 -19.20 -4.34 2.34
C THR B 73 -19.21 -4.23 3.88
N VAL B 74 -18.41 -3.33 4.45
CA VAL B 74 -18.37 -3.20 5.92
C VAL B 74 -19.49 -2.36 6.55
N ILE B 75 -19.77 -1.21 5.95
CA ILE B 75 -20.83 -0.32 6.42
C ILE B 75 -22.11 -1.05 6.10
N ASP B 76 -22.03 -1.90 5.08
CA ASP B 76 -23.16 -2.71 4.68
C ASP B 76 -23.55 -3.60 5.87
N GLU B 77 -22.55 -4.04 6.63
CA GLU B 77 -22.80 -4.89 7.79
C GLU B 77 -23.70 -4.19 8.79
N VAL B 78 -23.72 -2.87 8.73
CA VAL B 78 -24.56 -2.09 9.62
C VAL B 78 -25.88 -1.90 8.90
N ARG B 79 -25.85 -2.18 7.60
CA ARG B 79 -27.03 -2.07 6.75
C ARG B 79 -27.73 -3.43 6.59
N THR B 80 -27.03 -4.51 6.92
CA THR B 80 -27.57 -5.85 6.81
C THR B 80 -27.82 -6.47 8.19
N GLY B 81 -26.80 -6.41 9.05
CA GLY B 81 -26.90 -6.98 10.38
C GLY B 81 -27.76 -6.25 11.40
N THR B 82 -27.49 -6.54 12.67
CA THR B 82 -28.23 -5.96 13.78
C THR B 82 -28.18 -4.42 13.71
N TYR B 83 -29.05 -3.78 14.49
CA TYR B 83 -29.13 -2.31 14.51
C TYR B 83 -29.17 -1.79 13.09
N ARG B 84 -29.98 -2.48 12.29
CA ARG B 84 -30.16 -2.17 10.88
C ARG B 84 -30.99 -0.92 10.62
N GLN B 85 -32.19 -0.86 11.21
CA GLN B 85 -33.08 0.27 11.03
C GLN B 85 -32.97 1.38 12.08
N LEU B 86 -31.96 1.32 12.93
CA LEU B 86 -31.79 2.34 13.95
C LEU B 86 -30.96 3.49 13.36
N PHE B 87 -30.63 3.38 12.08
CA PHE B 87 -29.84 4.41 11.42
C PHE B 87 -30.54 4.92 10.16
N HIS B 88 -30.12 6.10 9.74
CA HIS B 88 -30.62 6.72 8.55
C HIS B 88 -29.61 6.50 7.45
N PRO B 89 -30.04 5.93 6.33
CA PRO B 89 -29.13 5.68 5.23
C PRO B 89 -28.38 6.96 4.86
N GLU B 90 -28.62 8.01 5.62
CA GLU B 90 -27.99 9.30 5.39
C GLU B 90 -26.74 9.46 6.26
N GLN B 91 -26.73 8.80 7.42
CA GLN B 91 -25.57 8.86 8.33
C GLN B 91 -24.68 7.65 8.12
N LEU B 92 -24.83 7.04 6.95
CA LEU B 92 -24.03 5.88 6.55
C LEU B 92 -23.39 6.19 5.20
N ILE B 93 -22.18 6.75 5.25
CA ILE B 93 -21.45 7.12 4.05
C ILE B 93 -20.53 5.99 3.58
N THR B 94 -20.53 5.75 2.27
CA THR B 94 -19.70 4.71 1.67
C THR B 94 -19.17 5.16 0.31
N GLY B 95 -18.01 4.63 -0.05
CA GLY B 95 -17.40 4.95 -1.33
C GLY B 95 -17.11 3.62 -2.01
N LYS B 96 -18.13 3.04 -2.63
CA LYS B 96 -18.04 1.76 -3.34
C LYS B 96 -16.65 1.44 -3.86
N GLU B 97 -15.91 2.50 -4.14
CA GLU B 97 -14.57 2.40 -4.67
C GLU B 97 -13.66 1.47 -3.90
N ASP B 98 -12.46 1.95 -3.60
CA ASP B 98 -11.49 1.11 -2.92
C ASP B 98 -10.95 1.67 -1.62
N ALA B 99 -10.80 0.80 -0.63
CA ALA B 99 -10.30 1.18 0.67
C ALA B 99 -8.80 1.52 0.62
N ALA B 100 -7.98 0.50 0.38
CA ALA B 100 -6.53 0.64 0.27
C ALA B 100 -5.88 0.84 1.59
N ASN B 101 -5.11 -0.13 2.04
CA ASN B 101 -4.50 0.02 3.35
C ASN B 101 -3.35 1.02 3.35
N ASN B 102 -3.59 2.13 2.68
CA ASN B 102 -2.59 3.16 2.63
C ASN B 102 -3.15 4.56 2.81
N TYR B 103 -2.57 5.23 3.79
CA TYR B 103 -2.90 6.58 4.17
C TYR B 103 -3.17 7.41 2.91
N ALA B 104 -2.11 7.85 2.25
CA ALA B 104 -2.18 8.63 1.03
C ALA B 104 -3.49 8.52 0.28
N ARG B 105 -3.71 7.37 -0.31
CA ARG B 105 -4.90 7.08 -1.08
C ARG B 105 -6.15 7.45 -0.31
N GLY B 106 -6.24 7.01 0.94
CA GLY B 106 -7.41 7.33 1.72
C GLY B 106 -7.56 8.79 2.09
N HIS B 107 -6.44 9.47 2.34
CA HIS B 107 -6.47 10.87 2.70
C HIS B 107 -6.65 11.69 1.43
N TYR B 108 -5.59 11.71 0.62
CA TYR B 108 -5.58 12.45 -0.64
C TYR B 108 -6.48 11.79 -1.69
N THR B 109 -5.88 11.34 -2.78
CA THR B 109 -6.58 10.68 -3.89
C THR B 109 -8.03 10.28 -3.66
N ILE B 110 -8.29 9.05 -3.26
CA ILE B 110 -9.66 8.63 -3.09
C ILE B 110 -10.41 9.31 -1.96
N GLY B 111 -10.06 8.99 -0.71
CA GLY B 111 -10.75 9.58 0.43
C GLY B 111 -11.27 10.99 0.22
N LYS B 112 -10.59 11.78 -0.60
CA LYS B 112 -11.00 13.16 -0.87
C LYS B 112 -12.43 13.25 -1.39
N GLU B 113 -12.68 12.58 -2.50
CA GLU B 113 -14.00 12.58 -3.13
C GLU B 113 -15.20 12.51 -2.18
N ILE B 114 -15.06 11.72 -1.12
CA ILE B 114 -16.16 11.53 -0.17
C ILE B 114 -16.29 12.61 0.89
N ILE B 115 -15.17 13.07 1.41
CA ILE B 115 -15.12 14.06 2.48
C ILE B 115 -16.23 15.10 2.45
N ASP B 116 -16.35 15.85 1.37
CA ASP B 116 -17.41 16.86 1.26
C ASP B 116 -18.65 16.23 1.87
N LEU B 117 -19.21 15.29 1.12
CA LEU B 117 -20.39 14.55 1.50
C LEU B 117 -20.33 14.19 2.98
N VAL B 118 -19.21 13.62 3.41
CA VAL B 118 -19.05 13.24 4.81
C VAL B 118 -19.37 14.46 5.66
N LEU B 119 -18.56 15.50 5.50
CA LEU B 119 -18.74 16.74 6.25
C LEU B 119 -20.21 17.12 6.28
N ASP B 120 -20.80 17.25 5.09
CA ASP B 120 -22.20 17.62 4.98
C ASP B 120 -23.06 17.04 6.09
N ARG B 121 -22.87 15.77 6.43
CA ARG B 121 -23.67 15.18 7.49
C ARG B 121 -23.28 15.73 8.86
N ILE B 122 -21.99 15.90 9.10
CA ILE B 122 -21.54 16.40 10.38
C ILE B 122 -21.74 17.91 10.46
N ARG B 123 -22.47 18.44 9.49
CA ARG B 123 -22.82 19.85 9.42
C ARG B 123 -24.35 19.90 9.35
N LYS B 124 -24.93 18.81 8.89
CA LYS B 124 -26.37 18.66 8.78
C LYS B 124 -26.89 18.08 10.08
N LEU B 125 -26.06 17.23 10.71
CA LEU B 125 -26.39 16.60 11.99
C LEU B 125 -25.95 17.54 13.12
N ALA B 126 -25.00 18.42 12.81
CA ALA B 126 -24.48 19.36 13.79
C ALA B 126 -25.39 20.57 13.95
N ASP B 127 -26.25 20.78 12.96
CA ASP B 127 -27.16 21.90 12.95
C ASP B 127 -28.44 21.54 13.70
N GLN B 128 -29.06 20.44 13.28
CA GLN B 128 -30.29 19.95 13.86
C GLN B 128 -30.35 19.99 15.39
N CYS B 129 -29.22 19.75 16.06
CA CYS B 129 -29.15 19.75 17.52
C CYS B 129 -29.36 21.09 18.23
N THR B 130 -28.97 21.14 19.51
CA THR B 130 -29.08 22.35 20.35
C THR B 130 -27.78 22.54 21.12
N GLY B 131 -27.03 23.58 20.76
CA GLY B 131 -25.76 23.85 21.44
C GLY B 131 -25.03 22.56 21.77
N LEU B 132 -24.25 22.05 20.81
CA LEU B 132 -23.47 20.82 21.00
C LEU B 132 -22.15 21.10 21.70
N GLN B 133 -21.36 20.05 21.92
CA GLN B 133 -20.07 20.20 22.59
C GLN B 133 -18.91 19.67 21.75
N GLY B 134 -19.20 18.77 20.81
CA GLY B 134 -18.14 18.23 20.00
C GLY B 134 -18.49 16.93 19.29
N PHE B 135 -17.47 16.35 18.64
CA PHE B 135 -17.63 15.09 17.90
C PHE B 135 -16.71 13.98 18.38
N SER B 136 -17.28 12.93 18.94
CA SER B 136 -16.48 11.82 19.38
C SER B 136 -16.19 11.03 18.11
N VAL B 137 -14.93 11.11 17.64
CA VAL B 137 -14.48 10.44 16.42
C VAL B 137 -13.96 9.03 16.71
N PHE B 138 -14.33 8.04 15.89
CA PHE B 138 -13.86 6.68 16.11
C PHE B 138 -13.07 6.14 14.92
N HIS B 139 -11.75 6.05 15.04
CA HIS B 139 -10.92 5.55 13.95
C HIS B 139 -9.86 4.57 14.41
N SER B 140 -9.29 3.84 13.45
CA SER B 140 -8.27 2.84 13.73
C SER B 140 -6.87 3.16 13.19
N PHE B 141 -6.27 4.20 13.75
CA PHE B 141 -4.93 4.61 13.40
C PHE B 141 -4.27 4.00 12.18
N GLY B 142 -3.95 2.71 12.24
CA GLY B 142 -3.25 2.06 11.14
C GLY B 142 -4.09 1.41 10.04
N GLY B 143 -4.91 2.20 9.38
CA GLY B 143 -5.72 1.67 8.30
C GLY B 143 -5.63 2.60 7.12
N GLY B 144 -6.48 2.40 6.14
CA GLY B 144 -6.48 3.27 4.98
C GLY B 144 -7.56 4.32 5.17
N THR B 145 -8.80 3.86 5.32
CA THR B 145 -9.93 4.74 5.52
C THR B 145 -9.90 5.32 6.91
N GLY B 146 -9.25 4.62 7.83
CA GLY B 146 -9.19 5.09 9.20
C GLY B 146 -8.12 6.11 9.52
N SER B 147 -6.95 5.93 8.95
CA SER B 147 -5.84 6.83 9.18
C SER B 147 -6.01 8.04 8.27
N GLY B 148 -5.81 7.81 6.98
CA GLY B 148 -5.91 8.85 5.99
C GLY B 148 -7.16 9.69 6.12
N PHE B 149 -8.25 9.21 5.53
CA PHE B 149 -9.51 9.94 5.57
C PHE B 149 -9.68 10.85 6.78
N THR B 150 -9.94 10.26 7.94
CA THR B 150 -10.13 11.03 9.16
C THR B 150 -9.15 12.17 9.19
N SER B 151 -7.88 11.83 8.98
CA SER B 151 -6.85 12.84 8.98
C SER B 151 -7.41 14.15 8.43
N LEU B 152 -8.05 14.09 7.27
CA LEU B 152 -8.61 15.30 6.72
C LEU B 152 -10.01 15.62 7.23
N LEU B 153 -10.70 14.63 7.80
CA LEU B 153 -12.03 14.86 8.33
C LEU B 153 -11.85 15.73 9.57
N MET B 154 -11.05 15.25 10.50
CA MET B 154 -10.77 16.00 11.71
C MET B 154 -10.15 17.30 11.27
N GLU B 155 -9.40 17.21 10.17
CA GLU B 155 -8.71 18.36 9.61
C GLU B 155 -9.74 19.41 9.28
N ARG B 156 -10.70 19.05 8.41
CA ARG B 156 -11.75 19.99 8.02
C ARG B 156 -12.68 20.44 9.17
N LEU B 157 -12.64 19.74 10.30
CA LEU B 157 -13.46 20.07 11.47
C LEU B 157 -12.80 21.18 12.29
N SER B 158 -11.53 20.98 12.63
CA SER B 158 -10.79 21.96 13.40
C SER B 158 -10.92 23.36 12.84
N VAL B 159 -11.34 23.46 11.58
CA VAL B 159 -11.49 24.77 10.96
C VAL B 159 -12.95 25.20 10.92
N ASP B 160 -13.84 24.24 10.70
CA ASP B 160 -15.25 24.55 10.62
C ASP B 160 -15.90 24.71 11.99
N TYR B 161 -15.27 24.18 13.02
CA TYR B 161 -15.81 24.30 14.36
C TYR B 161 -14.68 24.39 15.37
N GLY B 162 -13.65 25.17 15.09
CA GLY B 162 -12.55 25.26 16.04
C GLY B 162 -13.06 25.47 17.46
N LYS B 163 -14.24 26.05 17.55
CA LYS B 163 -14.90 26.37 18.81
C LYS B 163 -15.64 25.21 19.47
N LYS B 164 -15.03 24.03 19.50
CA LYS B 164 -15.66 22.87 20.13
C LYS B 164 -14.63 21.85 20.59
N SER B 165 -15.12 20.68 20.97
CA SER B 165 -14.27 19.60 21.41
C SER B 165 -14.07 18.57 20.31
N LYS B 166 -12.84 18.12 20.19
CA LYS B 166 -12.46 17.13 19.19
C LYS B 166 -11.73 15.99 19.90
N LEU B 167 -12.51 15.11 20.52
CA LEU B 167 -11.94 14.00 21.22
C LEU B 167 -12.02 12.82 20.27
N GLU B 168 -10.88 12.35 19.80
CA GLU B 168 -10.87 11.23 18.90
C GLU B 168 -10.47 9.98 19.63
N PHE B 169 -11.33 8.98 19.57
CA PHE B 169 -11.11 7.72 20.21
C PHE B 169 -10.43 6.74 19.25
N SER B 170 -9.12 6.57 19.41
CA SER B 170 -8.34 5.70 18.53
C SER B 170 -7.99 4.29 19.06
N ILE B 171 -7.64 3.41 18.14
CA ILE B 171 -7.25 2.04 18.41
C ILE B 171 -5.90 1.93 17.75
N TYR B 172 -4.89 2.47 18.40
CA TYR B 172 -3.56 2.50 17.85
C TYR B 172 -2.85 1.14 17.86
N PRO B 173 -2.04 0.87 16.80
CA PRO B 173 -1.21 -0.29 16.44
C PRO B 173 -0.74 -1.23 17.56
N ALA B 174 -1.12 -2.50 17.46
CA ALA B 174 -0.71 -3.49 18.44
C ALA B 174 0.80 -3.49 18.45
N PRO B 175 1.40 -3.38 19.64
CA PRO B 175 2.85 -3.36 19.85
C PRO B 175 3.71 -4.41 19.12
N GLN B 176 3.15 -5.58 18.86
CA GLN B 176 3.89 -6.64 18.18
C GLN B 176 2.99 -7.42 17.26
N VAL B 177 1.70 -7.33 17.54
CA VAL B 177 0.69 -8.04 16.78
C VAL B 177 -0.05 -7.10 15.84
N SER B 178 0.68 -6.43 14.95
CA SER B 178 0.02 -5.53 14.02
C SER B 178 -0.55 -6.41 12.93
N THR B 179 -1.28 -5.80 12.01
CA THR B 179 -1.87 -6.56 10.93
C THR B 179 -1.26 -6.10 9.61
N ALA B 180 -1.72 -4.95 9.12
CA ALA B 180 -1.22 -4.40 7.87
C ALA B 180 0.30 -4.44 7.90
N VAL B 181 0.89 -4.57 6.73
CA VAL B 181 2.33 -4.63 6.63
C VAL B 181 2.92 -3.27 6.80
N VAL B 182 2.16 -2.27 6.38
CA VAL B 182 2.58 -0.88 6.45
C VAL B 182 2.20 -0.13 7.71
N GLU B 183 1.12 -0.56 8.37
CA GLU B 183 0.60 0.04 9.62
C GLU B 183 1.28 1.33 10.07
N PRO B 184 2.59 1.30 10.41
CA PRO B 184 3.25 2.53 10.85
C PRO B 184 3.15 3.68 9.85
N TYR B 185 3.35 3.40 8.57
CA TYR B 185 3.23 4.44 7.59
C TYR B 185 1.89 5.13 7.84
N ASN B 186 0.84 4.32 7.94
CA ASN B 186 -0.50 4.83 8.16
C ASN B 186 -0.76 5.47 9.51
N SER B 187 0.06 5.17 10.51
CA SER B 187 -0.15 5.70 11.85
C SER B 187 0.77 6.83 12.24
N ILE B 188 1.86 7.00 11.51
CA ILE B 188 2.73 8.09 11.83
C ILE B 188 2.12 9.25 11.07
N LEU B 189 1.29 8.90 10.09
CA LEU B 189 0.63 9.88 9.24
C LEU B 189 -0.70 10.35 9.74
N THR B 190 -1.39 9.53 10.52
CA THR B 190 -2.67 9.96 11.05
C THR B 190 -2.42 10.76 12.32
N THR B 191 -1.27 10.56 12.92
CA THR B 191 -0.92 11.25 14.14
C THR B 191 -0.51 12.69 13.87
N HIS B 192 0.35 12.87 12.87
CA HIS B 192 0.88 14.19 12.52
C HIS B 192 -0.13 15.13 11.92
N THR B 193 -1.08 14.55 11.19
CA THR B 193 -2.11 15.34 10.53
C THR B 193 -3.27 15.66 11.47
N THR B 194 -3.51 14.79 12.45
CA THR B 194 -4.60 15.00 13.37
C THR B 194 -4.14 15.76 14.62
N LEU B 195 -2.85 15.61 14.95
CA LEU B 195 -2.24 16.24 16.12
C LEU B 195 -2.60 17.68 16.33
N GLU B 196 -2.54 18.44 15.25
CA GLU B 196 -2.82 19.86 15.28
C GLU B 196 -4.31 20.13 15.07
N HIS B 197 -5.14 19.15 15.39
CA HIS B 197 -6.58 19.28 15.19
C HIS B 197 -7.48 18.68 16.27
N SER B 198 -6.97 17.70 17.02
CA SER B 198 -7.76 17.08 18.07
C SER B 198 -7.67 17.82 19.38
N ASP B 199 -8.61 17.51 20.27
CA ASP B 199 -8.67 18.12 21.58
C ASP B 199 -8.05 17.17 22.58
N CYS B 200 -8.53 15.93 22.54
CA CYS B 200 -8.06 14.87 23.42
C CYS B 200 -8.23 13.59 22.63
N ALA B 201 -7.16 12.83 22.48
CA ALA B 201 -7.24 11.58 21.74
C ALA B 201 -7.17 10.40 22.69
N PHE B 202 -8.27 9.67 22.83
CA PHE B 202 -8.28 8.50 23.69
C PHE B 202 -7.65 7.35 22.92
N MET B 203 -6.94 6.50 23.67
CA MET B 203 -6.28 5.38 23.02
C MET B 203 -6.56 4.06 23.70
N VAL B 204 -6.87 3.06 22.88
CA VAL B 204 -7.17 1.71 23.33
C VAL B 204 -6.38 0.77 22.41
N ASP B 205 -5.41 0.09 23.00
CA ASP B 205 -4.52 -0.82 22.29
C ASP B 205 -5.17 -2.17 22.04
N ASN B 206 -5.35 -2.52 20.78
CA ASN B 206 -5.96 -3.80 20.42
C ASN B 206 -5.33 -5.01 21.11
N GLU B 207 -4.01 -5.15 21.07
CA GLU B 207 -3.34 -6.29 21.72
C GLU B 207 -3.49 -6.27 23.23
N ALA B 208 -3.03 -5.20 23.86
CA ALA B 208 -3.11 -5.06 25.30
C ALA B 208 -4.53 -5.26 25.85
N ILE B 209 -5.50 -5.41 24.98
CA ILE B 209 -6.88 -5.66 25.39
C ILE B 209 -7.05 -7.18 25.39
N TYR B 210 -6.32 -7.85 24.51
CA TYR B 210 -6.39 -9.29 24.45
C TYR B 210 -5.91 -9.86 25.77
N ASP B 211 -4.82 -9.31 26.26
CA ASP B 211 -4.28 -9.76 27.52
C ASP B 211 -5.40 -9.78 28.50
N ILE B 212 -6.14 -8.68 28.57
CA ILE B 212 -7.25 -8.60 29.49
C ILE B 212 -8.24 -9.73 29.25
N CYS B 213 -8.38 -10.17 28.01
CA CYS B 213 -9.30 -11.25 27.66
C CYS B 213 -8.73 -12.62 28.00
N ARG B 214 -7.42 -12.67 28.15
CA ARG B 214 -6.74 -13.89 28.48
C ARG B 214 -6.55 -13.96 30.00
N ARG B 215 -5.97 -12.90 30.56
CA ARG B 215 -5.66 -12.80 31.98
C ARG B 215 -6.77 -12.36 32.91
N ASN B 216 -7.67 -11.50 32.44
CA ASN B 216 -8.73 -11.01 33.31
C ASN B 216 -10.13 -11.34 32.84
N LEU B 217 -10.33 -12.57 32.39
CA LEU B 217 -11.64 -12.94 31.91
C LEU B 217 -11.55 -14.36 31.38
N ASP B 218 -10.32 -14.74 31.02
CA ASP B 218 -10.03 -16.07 30.52
C ASP B 218 -10.85 -16.49 29.31
N ILE B 219 -10.21 -16.45 28.15
CA ILE B 219 -10.80 -16.85 26.87
C ILE B 219 -9.77 -16.68 25.77
N GLU B 220 -9.43 -17.76 25.09
CA GLU B 220 -8.46 -17.69 24.00
C GLU B 220 -9.26 -17.58 22.71
N ARG B 221 -10.56 -17.39 22.89
CA ARG B 221 -11.52 -17.25 21.79
C ARG B 221 -12.09 -15.82 21.79
N PRO B 222 -11.22 -14.80 21.71
CA PRO B 222 -11.76 -13.44 21.69
C PRO B 222 -12.01 -12.96 20.27
N THR B 223 -13.28 -12.86 19.89
CA THR B 223 -13.61 -12.38 18.57
C THR B 223 -13.50 -10.87 18.60
N TYR B 224 -13.25 -10.26 17.45
CA TYR B 224 -13.15 -8.81 17.39
C TYR B 224 -14.38 -8.29 18.08
N THR B 225 -15.50 -8.97 17.86
CA THR B 225 -16.77 -8.59 18.45
C THR B 225 -16.69 -8.45 19.98
N ASN B 226 -15.58 -8.87 20.56
CA ASN B 226 -15.45 -8.74 22.00
C ASN B 226 -14.70 -7.47 22.36
N LEU B 227 -13.50 -7.33 21.81
CA LEU B 227 -12.71 -6.14 22.08
C LEU B 227 -13.64 -4.98 21.91
N ASN B 228 -14.53 -5.09 20.93
CA ASN B 228 -15.47 -4.02 20.67
C ASN B 228 -16.44 -3.83 21.84
N ARG B 229 -16.86 -4.94 22.46
CA ARG B 229 -17.78 -4.88 23.59
C ARG B 229 -17.09 -4.19 24.73
N LEU B 230 -15.78 -4.37 24.79
CA LEU B 230 -14.99 -3.78 25.83
C LEU B 230 -14.88 -2.29 25.63
N ILE B 231 -14.23 -1.86 24.56
CA ILE B 231 -14.13 -0.42 24.35
C ILE B 231 -15.57 0.05 24.42
N GLY B 232 -16.46 -0.78 23.85
CA GLY B 232 -17.87 -0.49 23.83
C GLY B 232 -18.35 -0.21 25.23
N GLN B 233 -17.53 -0.57 26.21
CA GLN B 233 -17.84 -0.35 27.63
C GLN B 233 -17.15 0.92 28.10
N ILE B 234 -15.82 0.90 28.05
CA ILE B 234 -15.02 2.05 28.47
C ILE B 234 -15.57 3.33 27.86
N VAL B 235 -16.03 3.23 26.62
CA VAL B 235 -16.58 4.39 25.93
C VAL B 235 -17.90 4.80 26.55
N SER B 236 -18.71 3.81 26.93
CA SER B 236 -20.00 4.12 27.52
C SER B 236 -19.83 4.94 28.77
N SER B 237 -18.68 4.77 29.41
CA SER B 237 -18.35 5.49 30.63
C SER B 237 -17.95 6.92 30.35
N ILE B 238 -17.46 7.15 29.14
CA ILE B 238 -17.05 8.48 28.74
C ILE B 238 -18.32 9.28 28.49
N THR B 239 -18.85 9.21 27.27
CA THR B 239 -20.04 9.97 26.90
C THR B 239 -21.30 9.50 27.62
N ALA B 240 -21.96 8.49 27.06
CA ALA B 240 -23.18 7.96 27.61
C ALA B 240 -23.53 8.48 29.02
N SER B 241 -23.04 7.75 30.02
CA SER B 241 -23.28 8.02 31.43
C SER B 241 -22.83 9.39 31.94
N LEU B 242 -21.72 9.88 31.44
CA LEU B 242 -21.23 11.18 31.91
C LEU B 242 -22.15 12.31 31.50
N ARG B 243 -22.53 12.34 30.22
CA ARG B 243 -23.43 13.35 29.71
C ARG B 243 -24.77 13.13 30.41
N PHE B 244 -24.79 12.09 31.25
CA PHE B 244 -25.95 11.69 32.04
C PHE B 244 -25.74 12.19 33.48
N ASP B 245 -26.78 12.81 34.05
CA ASP B 245 -26.77 13.37 35.40
C ASP B 245 -26.06 12.48 36.40
N GLY B 246 -25.60 13.07 37.50
CA GLY B 246 -24.89 12.30 38.50
C GLY B 246 -24.48 13.15 39.67
N ALA B 247 -23.76 12.55 40.63
CA ALA B 247 -23.33 13.27 41.82
C ALA B 247 -22.07 14.10 41.63
N LEU B 248 -21.44 13.96 40.46
CA LEU B 248 -20.21 14.72 40.16
C LEU B 248 -19.95 14.89 38.66
N ASN B 249 -20.99 15.20 37.90
CA ASN B 249 -20.92 15.39 36.46
C ASN B 249 -19.59 15.88 35.92
N VAL B 250 -19.28 15.44 34.70
CA VAL B 250 -18.06 15.82 34.00
C VAL B 250 -18.36 16.00 32.50
N ASP B 251 -18.38 17.25 32.06
CA ASP B 251 -18.66 17.61 30.69
C ASP B 251 -17.50 17.16 29.75
N LEU B 252 -17.72 17.14 28.44
CA LEU B 252 -16.66 16.74 27.54
C LEU B 252 -15.53 17.73 27.65
N THR B 253 -15.86 19.01 27.58
CA THR B 253 -14.84 20.02 27.70
C THR B 253 -14.01 19.62 28.91
N GLU B 254 -14.68 19.45 30.06
CA GLU B 254 -14.05 19.05 31.31
C GLU B 254 -12.80 18.22 31.03
N PHE B 255 -12.97 17.17 30.25
CA PHE B 255 -11.85 16.30 29.92
C PHE B 255 -10.66 17.11 29.48
N GLN B 256 -10.62 17.38 28.19
CA GLN B 256 -9.52 18.13 27.62
C GLN B 256 -8.93 19.14 28.61
N THR B 257 -9.79 19.82 29.37
CA THR B 257 -9.29 20.80 30.35
C THR B 257 -8.52 20.10 31.44
N ASN B 258 -9.20 19.22 32.18
CA ASN B 258 -8.57 18.49 33.28
C ASN B 258 -7.64 17.39 32.79
N LEU B 259 -7.64 17.12 31.48
CA LEU B 259 -6.82 16.04 30.92
C LEU B 259 -5.62 16.35 30.01
N VAL B 260 -5.60 17.51 29.36
CA VAL B 260 -4.45 17.82 28.53
C VAL B 260 -3.67 18.98 29.12
N PRO B 261 -2.38 18.75 29.39
CA PRO B 261 -1.58 19.82 29.95
C PRO B 261 -1.08 20.66 28.82
N TYR B 262 -0.98 20.08 27.62
CA TYR B 262 -0.47 20.84 26.48
C TYR B 262 -1.12 20.57 25.13
N PRO B 263 -1.30 21.64 24.34
CA PRO B 263 -1.91 21.65 23.01
C PRO B 263 -1.75 20.42 22.15
N ARG B 264 -0.65 19.68 22.28
CA ARG B 264 -0.53 18.49 21.46
C ARG B 264 -1.82 17.75 21.81
N GLY B 265 -2.60 17.35 20.79
CA GLY B 265 -3.87 16.65 20.98
C GLY B 265 -3.78 15.48 21.93
N HIS B 266 -2.86 15.62 22.89
CA HIS B 266 -2.55 14.62 23.88
C HIS B 266 -3.48 13.45 23.97
N PHE B 267 -2.85 12.30 24.09
CA PHE B 267 -3.52 11.05 24.09
C PHE B 267 -3.54 10.30 25.40
N PRO B 268 -4.65 10.38 26.15
CA PRO B 268 -4.65 9.62 27.39
C PRO B 268 -4.96 8.14 27.05
N LEU B 269 -4.99 7.28 28.06
CA LEU B 269 -5.25 5.84 27.87
C LEU B 269 -6.54 5.45 28.58
N ALA B 270 -7.32 4.54 28.00
CA ALA B 270 -8.56 4.12 28.65
C ALA B 270 -8.34 2.88 29.49
N THR B 271 -8.99 2.82 30.64
CA THR B 271 -8.85 1.69 31.56
C THR B 271 -10.19 1.43 32.22
N TYR B 272 -10.50 0.18 32.48
CA TYR B 272 -11.76 -0.11 33.13
C TYR B 272 -11.46 -0.94 34.37
N ALA B 273 -12.30 -0.86 35.40
CA ALA B 273 -11.97 -1.65 36.58
C ALA B 273 -12.60 -3.04 36.71
N PRO B 274 -13.91 -3.11 36.97
CA PRO B 274 -14.48 -4.46 37.10
C PRO B 274 -14.51 -5.23 35.81
N VAL B 275 -13.37 -5.72 35.37
CA VAL B 275 -13.28 -6.49 34.14
C VAL B 275 -13.25 -7.93 34.58
N ILE B 276 -14.19 -8.31 35.43
CA ILE B 276 -14.23 -9.68 35.89
C ILE B 276 -15.16 -10.52 35.00
N SER B 277 -14.89 -11.83 34.94
CA SER B 277 -15.65 -12.75 34.11
C SER B 277 -17.02 -13.16 34.65
N ALA B 278 -18.06 -13.07 33.82
CA ALA B 278 -19.39 -13.44 34.27
C ALA B 278 -19.66 -14.93 34.19
N GLU B 279 -18.78 -15.71 34.79
CA GLU B 279 -18.95 -17.15 34.78
C GLU B 279 -17.97 -17.76 35.75
N LYS B 280 -16.70 -17.55 35.47
CA LYS B 280 -15.64 -18.10 36.29
C LYS B 280 -15.73 -17.68 37.74
N ALA B 281 -14.81 -16.80 38.10
CA ALA B 281 -14.73 -16.29 39.46
C ALA B 281 -15.90 -15.41 39.80
N TYR B 282 -16.10 -15.21 41.09
CA TYR B 282 -17.16 -14.35 41.57
C TYR B 282 -16.96 -13.78 42.91
N HIS B 283 -16.32 -12.62 42.91
CA HIS B 283 -16.08 -11.90 44.13
C HIS B 283 -16.76 -10.56 43.82
N GLU B 284 -17.34 -10.44 42.61
CA GLU B 284 -18.05 -9.23 42.17
C GLU B 284 -18.01 -8.11 43.21
N GLN B 285 -18.74 -8.28 44.33
CA GLN B 285 -18.79 -7.29 45.41
C GLN B 285 -17.39 -6.89 45.80
N LEU B 286 -16.82 -5.99 45.01
CA LEU B 286 -15.47 -5.55 45.20
C LEU B 286 -15.46 -4.04 45.48
N SER B 287 -15.89 -3.65 46.68
CA SER B 287 -15.98 -2.25 47.05
C SER B 287 -14.94 -1.37 46.38
N VAL B 288 -15.33 -0.12 46.19
CA VAL B 288 -14.49 0.89 45.56
C VAL B 288 -13.03 0.65 45.85
N ALA B 289 -12.68 0.75 47.13
CA ALA B 289 -11.32 0.56 47.59
C ALA B 289 -10.55 -0.45 46.75
N GLU B 290 -11.27 -1.39 46.13
CA GLU B 290 -10.62 -2.40 45.30
C GLU B 290 -10.56 -2.06 43.83
N ILE B 291 -11.72 -1.80 43.24
CA ILE B 291 -11.81 -1.47 41.81
C ILE B 291 -10.93 -0.30 41.35
N THR B 292 -10.56 0.58 42.29
CA THR B 292 -9.75 1.73 41.95
C THR B 292 -8.28 1.34 41.94
N ASN B 293 -7.92 0.39 42.77
CA ASN B 293 -6.54 -0.02 42.82
C ASN B 293 -6.30 -0.87 41.57
N ALA B 294 -7.37 -1.49 41.08
CA ALA B 294 -7.30 -2.36 39.92
C ALA B 294 -7.16 -1.61 38.62
N CYS B 295 -7.07 -0.29 38.71
CA CYS B 295 -6.91 0.50 37.51
C CYS B 295 -5.47 0.79 37.23
N PHE B 296 -4.70 1.01 38.30
CA PHE B 296 -3.28 1.32 38.12
C PHE B 296 -2.35 0.14 37.90
N GLU B 297 -2.81 -1.08 38.18
CA GLU B 297 -1.96 -2.22 37.91
C GLU B 297 -1.96 -2.24 36.39
N PRO B 298 -0.78 -2.24 35.78
CA PRO B 298 -0.66 -2.24 34.32
C PRO B 298 -1.37 -3.33 33.52
N ALA B 299 -1.74 -4.42 34.17
CA ALA B 299 -2.40 -5.50 33.45
C ALA B 299 -3.88 -5.29 33.36
N ASN B 300 -4.32 -4.08 33.04
CA ASN B 300 -5.75 -3.87 32.95
C ASN B 300 -6.04 -2.52 32.32
N GLN B 301 -5.24 -2.14 31.34
CA GLN B 301 -5.45 -0.83 30.78
C GLN B 301 -5.68 -0.63 29.31
N MET B 302 -6.09 -1.66 28.61
CA MET B 302 -6.37 -1.49 27.19
C MET B 302 -5.28 -0.71 26.47
N VAL B 303 -4.03 -0.99 26.79
CA VAL B 303 -2.90 -0.33 26.14
C VAL B 303 -1.56 -0.90 26.61
N LYS B 304 -0.77 -1.37 25.65
CA LYS B 304 0.54 -1.97 25.91
C LYS B 304 1.55 -0.88 26.25
N CYS B 305 1.18 0.00 27.14
CA CYS B 305 2.04 1.09 27.54
C CYS B 305 2.31 1.00 29.03
N ASP B 306 2.42 -0.24 29.51
CA ASP B 306 2.69 -0.53 30.91
C ASP B 306 3.47 0.66 31.52
N PRO B 307 2.99 1.22 32.65
CA PRO B 307 3.69 2.36 33.28
C PRO B 307 5.14 2.03 33.61
N ARG B 308 5.86 1.69 32.56
CA ARG B 308 7.27 1.31 32.60
C ARG B 308 8.14 2.42 33.15
N HIS B 309 7.54 3.60 33.32
CA HIS B 309 8.24 4.77 33.86
C HIS B 309 7.36 5.99 33.71
N GLY B 310 6.49 5.95 32.71
CA GLY B 310 5.59 7.05 32.44
C GLY B 310 4.83 7.55 33.65
N LYS B 311 5.18 8.75 34.08
CA LYS B 311 4.54 9.37 35.22
C LYS B 311 3.18 9.88 34.77
N TYR B 312 2.15 9.56 35.52
CA TYR B 312 0.83 10.06 35.17
C TYR B 312 0.96 11.56 35.32
N MET B 313 0.07 12.31 34.67
CA MET B 313 0.11 13.76 34.77
C MET B 313 -1.31 14.29 34.88
N ALA B 314 -2.27 13.37 34.93
CA ALA B 314 -3.66 13.73 35.05
C ALA B 314 -4.54 12.53 34.74
N CYS B 315 -5.40 12.18 35.67
CA CYS B 315 -6.30 11.05 35.50
C CYS B 315 -7.72 11.51 35.77
N CYS B 316 -8.66 10.99 34.99
CA CYS B 316 -10.05 11.34 35.14
C CYS B 316 -10.80 10.12 35.57
N LEU B 317 -10.83 9.88 36.87
CA LEU B 317 -11.51 8.70 37.37
C LEU B 317 -13.00 8.78 37.28
N LEU B 318 -13.56 8.23 36.22
CA LEU B 318 -15.00 8.23 36.05
C LEU B 318 -15.58 6.98 36.70
N TYR B 319 -16.36 7.19 37.75
CA TYR B 319 -16.99 6.11 38.47
C TYR B 319 -18.45 6.10 38.08
N ARG B 320 -19.10 4.97 38.28
CA ARG B 320 -20.51 4.85 37.96
C ARG B 320 -21.07 3.77 38.86
N GLY B 321 -22.31 3.95 39.30
CA GLY B 321 -22.92 2.97 40.18
C GLY B 321 -22.95 3.48 41.60
N ASP B 322 -23.08 2.57 42.57
CA ASP B 322 -23.13 2.96 43.98
C ASP B 322 -21.77 3.27 44.57
N VAL B 323 -21.46 4.57 44.63
CA VAL B 323 -20.16 5.04 45.15
C VAL B 323 -20.30 6.27 46.07
N VAL B 324 -19.76 6.13 47.28
CA VAL B 324 -19.78 7.20 48.27
C VAL B 324 -18.57 8.09 48.05
N PRO B 325 -18.80 9.37 47.77
CA PRO B 325 -17.74 10.34 47.53
C PRO B 325 -16.56 10.27 48.49
N LYS B 326 -16.81 9.85 49.73
CA LYS B 326 -15.73 9.74 50.71
C LYS B 326 -14.92 8.51 50.33
N ASP B 327 -15.63 7.44 49.97
CA ASP B 327 -14.99 6.21 49.56
C ASP B 327 -13.94 6.55 48.52
N VAL B 328 -14.30 7.45 47.62
CA VAL B 328 -13.40 7.89 46.56
C VAL B 328 -12.37 8.83 47.14
N ASN B 329 -12.86 9.91 47.74
CA ASN B 329 -12.00 10.92 48.36
C ASN B 329 -11.35 10.26 49.58
N ALA B 330 -10.75 9.10 49.32
CA ALA B 330 -10.05 8.29 50.33
C ALA B 330 -9.30 7.20 49.59
N ALA B 331 -10.03 6.51 48.73
CA ALA B 331 -9.45 5.44 47.92
C ALA B 331 -8.38 6.08 47.04
N ILE B 332 -8.64 7.34 46.66
CA ILE B 332 -7.72 8.08 45.84
C ILE B 332 -6.60 8.63 46.71
N ALA B 333 -6.95 9.04 47.93
CA ALA B 333 -5.99 9.57 48.88
C ALA B 333 -4.94 8.51 49.12
N THR B 334 -5.40 7.29 49.40
CA THR B 334 -4.50 6.17 49.65
C THR B 334 -3.52 6.04 48.48
N ILE B 335 -4.04 6.20 47.27
CA ILE B 335 -3.23 6.11 46.06
C ILE B 335 -2.23 7.25 46.02
N LYS B 336 -2.71 8.49 46.12
CA LYS B 336 -1.83 9.65 46.07
C LYS B 336 -0.58 9.47 46.93
N THR B 337 -0.62 8.51 47.84
CA THR B 337 0.50 8.28 48.73
C THR B 337 1.14 6.90 48.61
N LYS B 338 1.06 6.31 47.42
CA LYS B 338 1.65 5.00 47.17
C LYS B 338 3.03 5.22 46.56
N ARG B 339 3.26 6.46 46.13
CA ARG B 339 4.50 6.91 45.53
C ARG B 339 5.03 6.08 44.35
N THR B 340 4.96 4.77 44.47
CA THR B 340 5.42 3.90 43.40
C THR B 340 4.53 4.17 42.18
N ILE B 341 3.58 5.08 42.36
CA ILE B 341 2.64 5.47 41.30
C ILE B 341 3.00 6.88 40.82
N GLN B 342 4.19 7.33 41.24
CA GLN B 342 4.76 8.63 40.90
C GLN B 342 4.04 9.48 39.83
N PHE B 343 3.45 10.60 40.27
CA PHE B 343 2.78 11.55 39.39
C PHE B 343 3.77 12.62 38.99
N VAL B 344 3.50 13.34 37.92
CA VAL B 344 4.44 14.36 37.52
C VAL B 344 4.73 15.34 38.65
N ASP B 345 5.80 16.09 38.48
CA ASP B 345 6.23 17.09 39.46
C ASP B 345 5.30 18.29 39.44
N TRP B 346 5.36 19.02 38.34
CA TRP B 346 4.57 20.22 38.13
C TRP B 346 3.09 19.99 38.34
N CYS B 347 2.74 18.85 38.88
CA CYS B 347 1.35 18.57 39.09
C CYS B 347 1.09 18.12 40.51
N PRO B 348 0.51 19.01 41.32
CA PRO B 348 0.19 18.71 42.71
C PRO B 348 -0.79 17.58 42.76
N THR B 349 -1.99 17.93 42.34
CA THR B 349 -3.13 17.00 42.28
C THR B 349 -3.66 16.94 40.85
N GLY B 350 -3.70 15.73 40.34
CA GLY B 350 -4.19 15.44 38.98
C GLY B 350 -5.14 14.25 39.03
N PHE B 351 -6.27 14.49 39.68
CA PHE B 351 -7.30 13.47 39.85
C PHE B 351 -8.70 14.06 39.76
N LYS B 352 -9.25 13.96 38.56
CA LYS B 352 -10.60 14.43 38.27
C LYS B 352 -11.58 13.29 38.58
N VAL B 353 -12.24 13.43 39.71
CA VAL B 353 -13.21 12.42 40.18
C VAL B 353 -14.59 12.69 39.58
N GLY B 354 -14.96 11.80 38.69
CA GLY B 354 -16.25 11.84 37.99
C GLY B 354 -17.13 10.72 38.52
N ILE B 355 -18.21 11.13 39.15
CA ILE B 355 -19.18 10.20 39.74
C ILE B 355 -20.53 10.29 39.03
N ASN B 356 -20.96 9.12 38.59
CA ASN B 356 -22.25 8.93 37.93
C ASN B 356 -23.09 8.06 38.85
N TYR B 357 -24.36 7.93 38.54
CA TYR B 357 -25.27 7.14 39.38
C TYR B 357 -25.45 5.72 38.84
N GLU B 358 -26.24 5.63 37.78
CA GLU B 358 -26.57 4.35 37.14
C GLU B 358 -25.34 3.45 37.00
N PRO B 359 -25.36 2.25 37.59
CA PRO B 359 -24.24 1.32 37.48
C PRO B 359 -24.01 0.95 36.03
N PRO B 360 -22.93 0.22 35.69
CA PRO B 360 -22.67 -0.17 34.29
C PRO B 360 -23.81 -1.03 33.76
N THR B 361 -23.70 -1.45 32.51
CA THR B 361 -24.73 -2.28 31.89
C THR B 361 -24.07 -3.24 30.92
N VAL B 362 -23.90 -4.46 31.39
CA VAL B 362 -23.25 -5.52 30.64
C VAL B 362 -24.18 -6.23 29.66
N VAL B 363 -23.60 -6.64 28.55
CA VAL B 363 -24.33 -7.36 27.52
C VAL B 363 -25.03 -8.52 28.22
N PRO B 364 -26.30 -8.76 27.88
CA PRO B 364 -27.14 -9.83 28.46
C PRO B 364 -26.40 -11.14 28.70
N GLY B 365 -25.59 -11.54 27.73
CA GLY B 365 -24.87 -12.79 27.87
C GLY B 365 -23.57 -12.89 27.11
N GLY B 366 -22.76 -11.85 27.17
CA GLY B 366 -21.47 -11.88 26.50
C GLY B 366 -20.50 -12.65 27.39
N ASP B 367 -19.66 -11.91 28.11
CA ASP B 367 -18.68 -12.50 29.01
C ASP B 367 -18.24 -11.51 30.08
N LEU B 368 -18.91 -10.36 30.12
CA LEU B 368 -18.59 -9.33 31.11
C LEU B 368 -19.35 -9.62 32.39
N ALA B 369 -18.61 -9.67 33.49
CA ALA B 369 -19.17 -9.95 34.81
C ALA B 369 -20.57 -9.38 35.06
N LYS B 370 -20.62 -8.08 35.32
CA LYS B 370 -21.81 -7.30 35.62
C LYS B 370 -21.84 -6.97 37.11
N VAL B 371 -21.07 -5.95 37.45
CA VAL B 371 -20.92 -5.48 38.81
C VAL B 371 -21.89 -4.32 39.03
N GLN B 372 -21.87 -3.76 40.22
CA GLN B 372 -22.72 -2.63 40.55
C GLN B 372 -21.88 -1.40 40.84
N ARG B 373 -20.83 -1.24 40.05
CA ARG B 373 -19.93 -0.12 40.18
C ARG B 373 -18.67 -0.42 39.37
N ALA B 374 -18.13 0.60 38.70
CA ALA B 374 -16.94 0.45 37.88
C ALA B 374 -16.16 1.73 37.82
N VAL B 375 -14.91 1.62 37.37
CA VAL B 375 -14.00 2.76 37.25
C VAL B 375 -13.32 2.82 35.90
N CYS B 376 -13.80 3.71 35.04
CA CYS B 376 -13.24 3.91 33.70
C CYS B 376 -12.30 5.10 33.83
N MET B 377 -11.08 4.81 34.24
CA MET B 377 -10.10 5.86 34.43
C MET B 377 -9.25 5.96 33.19
N LEU B 378 -9.10 7.19 32.72
CA LEU B 378 -8.30 7.46 31.56
C LEU B 378 -7.27 8.46 32.02
N SER B 379 -6.16 8.56 31.31
CA SER B 379 -5.11 9.47 31.71
C SER B 379 -3.99 9.68 30.71
N ASN B 380 -3.25 10.75 30.96
CA ASN B 380 -2.10 11.09 30.13
C ASN B 380 -0.93 10.59 30.98
N THR B 381 -0.12 9.72 30.39
CA THR B 381 1.01 9.15 31.10
C THR B 381 2.25 9.32 30.25
N THR B 382 3.32 9.79 30.88
CA THR B 382 4.59 9.97 30.19
C THR B 382 5.00 8.61 29.63
N ALA B 383 4.14 7.64 29.84
CA ALA B 383 4.38 6.30 29.39
C ALA B 383 4.39 6.18 27.89
N ILE B 384 3.41 6.78 27.24
CA ILE B 384 3.35 6.67 25.80
C ILE B 384 4.65 7.10 25.13
N ALA B 385 5.55 7.73 25.91
CA ALA B 385 6.85 8.13 25.39
C ALA B 385 7.35 6.87 24.70
N GLU B 386 7.00 5.74 25.30
CA GLU B 386 7.33 4.44 24.77
C GLU B 386 6.52 4.24 23.51
N ALA B 387 5.34 3.66 23.67
CA ALA B 387 4.41 3.37 22.57
C ALA B 387 4.61 4.17 21.28
N TRP B 388 4.87 5.48 21.40
CA TRP B 388 5.10 6.30 20.22
C TRP B 388 6.47 5.92 19.68
N ALA B 389 7.46 5.91 20.57
CA ALA B 389 8.81 5.54 20.22
C ALA B 389 8.78 4.27 19.38
N ARG B 390 8.44 3.17 20.03
CA ARG B 390 8.34 1.85 19.39
C ARG B 390 7.58 1.82 18.07
N LEU B 391 6.73 2.81 17.84
CA LEU B 391 5.93 2.84 16.64
C LEU B 391 6.58 3.70 15.59
N ASP B 392 7.40 4.62 16.06
CA ASP B 392 8.12 5.53 15.19
C ASP B 392 9.26 4.76 14.56
N HIS B 393 10.03 4.10 15.42
CA HIS B 393 11.17 3.29 15.01
C HIS B 393 10.71 2.41 13.86
N LYS B 394 9.63 1.66 14.06
CA LYS B 394 9.04 0.81 13.02
C LYS B 394 9.17 1.51 11.68
N PHE B 395 8.44 2.62 11.58
CA PHE B 395 8.37 3.48 10.42
C PHE B 395 9.71 3.61 9.71
N ASP B 396 10.69 4.17 10.43
CA ASP B 396 12.02 4.36 9.88
C ASP B 396 12.52 3.14 9.15
N LEU B 397 12.60 2.03 9.87
CA LEU B 397 13.09 0.81 9.26
C LEU B 397 12.63 0.67 7.83
N MET B 398 11.33 0.83 7.60
CA MET B 398 10.77 0.70 6.26
C MET B 398 11.07 1.88 5.37
N TYR B 399 10.82 3.08 5.89
CA TYR B 399 11.08 4.28 5.13
C TYR B 399 12.55 4.24 4.72
N ALA B 400 13.39 3.78 5.64
CA ALA B 400 14.80 3.69 5.40
C ALA B 400 15.09 2.97 4.08
N LYS B 401 14.10 2.24 3.59
CA LYS B 401 14.24 1.49 2.33
C LYS B 401 13.10 1.81 1.38
N ARG B 402 12.29 2.78 1.77
CA ARG B 402 11.18 3.23 0.97
C ARG B 402 10.07 2.19 0.91
N ALA B 403 10.38 0.97 1.32
CA ALA B 403 9.41 -0.11 1.29
C ALA B 403 8.22 0.27 0.43
N PHE B 404 7.02 0.19 0.99
CA PHE B 404 5.80 0.48 0.22
C PHE B 404 5.58 1.95 -0.03
N VAL B 405 6.64 2.67 -0.37
CA VAL B 405 6.46 4.09 -0.61
C VAL B 405 5.79 4.33 -1.94
N HIS B 406 6.21 3.62 -2.97
CA HIS B 406 5.59 3.86 -4.27
C HIS B 406 4.08 3.77 -4.25
N TRP B 407 3.53 3.23 -3.17
CA TRP B 407 2.10 3.07 -3.09
C TRP B 407 1.43 4.34 -2.70
N TYR B 408 2.16 5.23 -2.06
CA TYR B 408 1.56 6.49 -1.64
C TYR B 408 1.86 7.57 -2.65
N VAL B 409 3.13 7.66 -3.03
CA VAL B 409 3.55 8.65 -3.99
C VAL B 409 2.58 8.64 -5.14
N GLY B 410 2.40 7.45 -5.70
CA GLY B 410 1.49 7.29 -6.81
C GLY B 410 0.06 7.59 -6.41
N GLU B 411 -0.09 8.17 -5.22
CA GLU B 411 -1.40 8.49 -4.73
C GLU B 411 -1.47 9.91 -4.20
N GLY B 412 -0.68 10.80 -4.79
CA GLY B 412 -0.70 12.19 -4.38
C GLY B 412 -0.15 12.50 -3.01
N MET B 413 1.13 12.15 -2.83
CA MET B 413 1.87 12.37 -1.60
C MET B 413 3.29 12.62 -2.09
N GLU B 414 4.23 12.79 -1.19
CA GLU B 414 5.58 13.05 -1.63
C GLU B 414 6.58 12.67 -0.58
N GLU B 415 7.86 12.75 -0.92
CA GLU B 415 8.91 12.43 0.05
C GLU B 415 8.72 13.41 1.19
N GLY B 416 8.00 14.49 0.90
CA GLY B 416 7.74 15.49 1.89
C GLY B 416 6.90 14.93 3.01
N GLU B 417 5.61 14.77 2.75
CA GLU B 417 4.69 14.26 3.75
C GLU B 417 5.22 13.17 4.66
N PHE B 418 6.04 12.27 4.12
CA PHE B 418 6.58 11.22 5.00
C PHE B 418 7.65 11.85 5.88
N SER B 419 8.79 12.17 5.28
CA SER B 419 9.90 12.76 6.02
C SER B 419 9.48 13.91 6.90
N GLU B 420 8.51 14.70 6.45
CA GLU B 420 8.08 15.84 7.23
C GLU B 420 7.04 15.52 8.29
N ALA B 421 6.59 14.27 8.34
CA ALA B 421 5.61 13.83 9.34
C ALA B 421 6.35 12.96 10.32
N ARG B 422 7.57 12.60 9.94
CA ARG B 422 8.43 11.82 10.77
C ARG B 422 9.01 12.84 11.73
N GLU B 423 9.59 13.90 11.17
CA GLU B 423 10.15 14.98 11.97
C GLU B 423 9.07 15.40 12.96
N ASP B 424 7.83 15.39 12.48
CA ASP B 424 6.68 15.79 13.30
C ASP B 424 6.70 15.01 14.60
N MET B 425 6.43 13.72 14.50
CA MET B 425 6.41 12.88 15.69
C MET B 425 7.69 12.97 16.49
N ALA B 426 8.82 13.16 15.80
CA ALA B 426 10.09 13.28 16.52
C ALA B 426 9.90 14.19 17.72
N ALA B 427 9.31 15.37 17.49
CA ALA B 427 9.06 16.35 18.54
C ALA B 427 7.86 15.98 19.39
N LEU B 428 7.46 14.71 19.30
CA LEU B 428 6.35 14.19 20.09
C LEU B 428 7.00 13.19 21.03
N GLU B 429 8.22 12.80 20.67
CA GLU B 429 9.03 11.89 21.46
C GLU B 429 9.82 12.76 22.43
N LYS B 430 10.06 14.01 22.04
CA LYS B 430 10.78 14.95 22.87
C LYS B 430 9.77 15.62 23.79
N ASP B 431 8.58 15.88 23.24
CA ASP B 431 7.52 16.52 23.99
C ASP B 431 7.14 15.65 25.19
N TYR B 432 6.69 14.43 24.91
CA TYR B 432 6.30 13.50 25.96
C TYR B 432 7.44 13.14 26.88
N GLU B 433 8.63 13.63 26.55
CA GLU B 433 9.83 13.39 27.35
C GLU B 433 10.07 14.59 28.25
N GLU B 434 9.99 15.78 27.67
CA GLU B 434 10.21 17.01 28.42
C GLU B 434 9.14 17.29 29.47
N VAL B 435 7.87 17.14 29.10
CA VAL B 435 6.77 17.39 30.02
C VAL B 435 6.86 16.46 31.22
N GLY B 436 7.88 15.62 31.24
CA GLY B 436 8.06 14.69 32.35
C GLY B 436 9.53 14.34 32.49
N VAL B 437 9.82 13.32 33.30
CA VAL B 437 11.19 12.86 33.52
C VAL B 437 12.08 13.98 34.08
N ASP B 438 11.58 15.21 34.04
CA ASP B 438 12.35 16.36 34.52
C ASP B 438 11.57 17.21 35.53
N SER B 439 12.30 17.88 36.42
CA SER B 439 11.67 18.71 37.44
C SER B 439 12.19 20.14 37.45
N ARG C 2 -17.44 -3.88 -6.15
CA ARG C 2 -16.17 -4.02 -6.92
C ARG C 2 -16.31 -5.15 -7.94
N GLU C 3 -15.31 -5.34 -8.79
CA GLU C 3 -15.32 -6.38 -9.82
C GLU C 3 -13.94 -6.80 -10.34
N ILE C 4 -13.95 -7.81 -11.20
CA ILE C 4 -12.74 -8.35 -11.83
C ILE C 4 -13.18 -9.10 -13.10
N VAL C 5 -12.26 -9.31 -14.04
CA VAL C 5 -12.58 -10.07 -15.25
C VAL C 5 -11.46 -11.06 -15.60
N HIS C 6 -11.72 -12.31 -15.28
CA HIS C 6 -10.80 -13.41 -15.49
C HIS C 6 -10.34 -13.47 -16.92
N ILE C 7 -9.15 -14.04 -17.14
CA ILE C 7 -8.60 -14.18 -18.49
C ILE C 7 -7.88 -15.54 -18.67
N GLN C 8 -8.48 -16.43 -19.47
CA GLN C 8 -7.96 -17.78 -19.75
C GLN C 8 -7.03 -17.86 -20.96
N ALA C 9 -5.83 -17.30 -20.85
CA ALA C 9 -4.87 -17.31 -21.95
C ALA C 9 -4.23 -18.67 -22.23
N GLY C 10 -4.23 -19.08 -23.49
CA GLY C 10 -3.63 -20.35 -23.84
C GLY C 10 -4.49 -21.54 -23.49
N GLN C 11 -3.94 -22.75 -23.61
CA GLN C 11 -4.67 -23.97 -23.28
C GLN C 11 -4.66 -24.13 -21.78
N CYS C 12 -3.45 -24.24 -21.23
CA CYS C 12 -3.32 -24.40 -19.80
C CYS C 12 -4.21 -23.40 -19.10
N GLY C 13 -3.82 -22.13 -19.20
CA GLY C 13 -4.60 -21.09 -18.58
C GLY C 13 -6.07 -21.33 -18.80
N ASN C 14 -6.37 -21.98 -19.92
CA ASN C 14 -7.74 -22.29 -20.26
C ASN C 14 -8.22 -23.52 -19.47
N GLN C 15 -7.50 -24.63 -19.62
CA GLN C 15 -7.84 -25.86 -18.91
C GLN C 15 -8.18 -25.52 -17.48
N ILE C 16 -7.31 -24.71 -16.87
CA ILE C 16 -7.49 -24.24 -15.49
C ILE C 16 -8.74 -23.39 -15.35
N GLY C 17 -9.06 -22.62 -16.38
CA GLY C 17 -10.25 -21.81 -16.32
C GLY C 17 -11.39 -22.73 -15.93
N ALA C 18 -11.49 -23.85 -16.64
CA ALA C 18 -12.54 -24.80 -16.37
C ALA C 18 -12.54 -25.24 -14.93
N LYS C 19 -11.37 -25.32 -14.31
CA LYS C 19 -11.31 -25.75 -12.91
C LYS C 19 -11.54 -24.58 -11.98
N PHE C 20 -11.04 -23.41 -12.35
CA PHE C 20 -11.25 -22.24 -11.51
C PHE C 20 -12.72 -21.89 -11.47
N TRP C 21 -13.40 -22.12 -12.58
CA TRP C 21 -14.81 -21.81 -12.64
C TRP C 21 -15.64 -22.97 -12.16
N GLU C 22 -15.09 -24.17 -12.28
CA GLU C 22 -15.76 -25.36 -11.79
C GLU C 22 -16.01 -25.05 -10.33
N VAL C 23 -14.92 -24.76 -9.63
CA VAL C 23 -14.95 -24.43 -8.21
C VAL C 23 -15.83 -23.23 -7.92
N ILE C 24 -15.19 -22.06 -8.01
CA ILE C 24 -15.81 -20.78 -7.79
C ILE C 24 -17.34 -20.79 -7.90
N SER C 25 -17.87 -21.41 -8.94
CA SER C 25 -19.31 -21.45 -9.14
C SER C 25 -19.99 -22.10 -7.94
N ASP C 26 -19.56 -23.32 -7.61
CA ASP C 26 -20.09 -24.07 -6.47
C ASP C 26 -19.91 -23.24 -5.19
N GLU C 27 -18.86 -22.42 -5.18
CA GLU C 27 -18.56 -21.54 -4.06
C GLU C 27 -19.40 -20.27 -4.28
N HIS C 28 -20.43 -20.43 -5.08
CA HIS C 28 -21.33 -19.33 -5.39
C HIS C 28 -22.65 -19.87 -5.95
N GLY C 29 -22.88 -21.17 -5.72
CA GLY C 29 -24.12 -21.82 -6.16
C GLY C 29 -24.64 -21.57 -7.57
N ILE C 30 -23.74 -21.52 -8.55
CA ILE C 30 -24.13 -21.30 -9.92
C ILE C 30 -23.95 -22.56 -10.75
N ASP C 31 -25.07 -23.20 -11.07
CA ASP C 31 -25.10 -24.43 -11.85
C ASP C 31 -24.80 -24.09 -13.31
N PRO C 32 -24.31 -25.06 -14.10
CA PRO C 32 -23.99 -24.84 -15.51
C PRO C 32 -24.57 -23.53 -16.06
N THR C 33 -25.82 -23.56 -16.48
CA THR C 33 -26.46 -22.34 -16.99
C THR C 33 -27.43 -21.85 -15.93
N GLY C 34 -27.69 -22.72 -14.95
CA GLY C 34 -28.60 -22.38 -13.87
C GLY C 34 -28.23 -21.07 -13.19
N SER C 35 -28.90 -20.78 -12.09
CA SER C 35 -28.64 -19.54 -11.36
C SER C 35 -27.98 -19.78 -10.02
N TYR C 36 -28.46 -19.05 -9.03
CA TYR C 36 -27.95 -19.14 -7.68
C TYR C 36 -28.76 -20.09 -6.81
N HIS C 37 -28.29 -21.33 -6.69
CA HIS C 37 -28.95 -22.34 -5.85
C HIS C 37 -28.39 -22.20 -4.43
N GLY C 38 -27.38 -21.33 -4.32
CA GLY C 38 -26.70 -21.06 -3.07
C GLY C 38 -27.34 -21.58 -1.80
N ASP C 39 -26.64 -22.48 -1.14
CA ASP C 39 -27.13 -23.06 0.11
C ASP C 39 -27.44 -21.91 1.06
N SER C 40 -26.74 -20.81 0.89
CA SER C 40 -26.95 -19.63 1.74
C SER C 40 -27.49 -18.45 0.94
N ASP C 41 -27.34 -17.26 1.49
CA ASP C 41 -27.82 -16.03 0.87
C ASP C 41 -26.68 -15.04 0.74
N LEU C 42 -25.55 -15.37 1.36
CA LEU C 42 -24.36 -14.53 1.34
C LEU C 42 -23.49 -14.73 0.11
N GLN C 43 -23.61 -15.90 -0.52
CA GLN C 43 -22.83 -16.22 -1.72
C GLN C 43 -23.40 -15.52 -2.94
N LEU C 44 -24.11 -14.41 -2.70
CA LEU C 44 -24.77 -13.69 -3.78
C LEU C 44 -24.62 -12.17 -3.75
N GLU C 45 -24.58 -11.61 -2.56
CA GLU C 45 -24.48 -10.17 -2.41
C GLU C 45 -23.20 -9.57 -3.01
N ARG C 46 -22.25 -10.43 -3.33
CA ARG C 46 -20.98 -9.96 -3.88
C ARG C 46 -20.56 -10.67 -5.17
N ILE C 47 -21.38 -11.58 -5.68
CA ILE C 47 -21.02 -12.31 -6.90
C ILE C 47 -20.51 -11.41 -8.00
N ASN C 48 -21.27 -10.37 -8.31
CA ASN C 48 -20.92 -9.42 -9.36
C ASN C 48 -19.45 -9.48 -9.73
N VAL C 49 -18.59 -9.49 -8.73
CA VAL C 49 -17.15 -9.58 -8.95
C VAL C 49 -16.74 -10.50 -10.12
N TYR C 50 -17.55 -11.52 -10.39
CA TYR C 50 -17.26 -12.48 -11.46
C TYR C 50 -18.36 -12.78 -12.47
N TYR C 51 -19.53 -12.15 -12.34
CA TYR C 51 -20.61 -12.44 -13.28
C TYR C 51 -21.33 -11.21 -13.83
N ASN C 52 -22.43 -11.46 -14.54
CA ASN C 52 -23.23 -10.39 -15.12
C ASN C 52 -24.72 -10.75 -15.15
N GLU C 53 -25.57 -9.75 -14.93
CA GLU C 53 -27.01 -9.95 -14.93
C GLU C 53 -27.64 -9.72 -16.30
N ALA C 54 -28.28 -10.76 -16.84
CA ALA C 54 -28.95 -10.67 -18.14
C ALA C 54 -30.36 -11.22 -18.01
N ALA C 55 -30.46 -12.54 -17.92
CA ALA C 55 -31.76 -13.19 -17.79
C ALA C 55 -32.33 -12.96 -16.39
N GLY C 56 -31.92 -13.81 -15.44
CA GLY C 56 -32.40 -13.69 -14.07
C GLY C 56 -32.08 -14.98 -13.34
N ASN C 57 -31.46 -15.89 -14.08
CA ASN C 57 -31.06 -17.21 -13.60
C ASN C 57 -29.73 -17.50 -14.28
N LYS C 58 -29.34 -16.59 -15.17
CA LYS C 58 -28.11 -16.76 -15.92
C LYS C 58 -27.07 -15.70 -15.59
N TYR C 59 -26.27 -15.97 -14.57
CA TYR C 59 -25.19 -15.08 -14.18
C TYR C 59 -24.01 -15.70 -14.91
N VAL C 60 -23.57 -15.05 -15.99
CA VAL C 60 -22.47 -15.59 -16.77
C VAL C 60 -21.08 -15.13 -16.36
N PRO C 61 -20.16 -16.09 -16.19
CA PRO C 61 -18.80 -15.75 -15.81
C PRO C 61 -18.24 -14.71 -16.75
N ARG C 62 -17.63 -13.68 -16.16
CA ARG C 62 -17.05 -12.60 -16.92
C ARG C 62 -15.55 -12.78 -17.09
N ALA C 63 -15.20 -13.75 -17.92
CA ALA C 63 -13.81 -14.07 -18.20
C ALA C 63 -13.57 -14.03 -19.70
N ILE C 64 -12.33 -14.23 -20.10
CA ILE C 64 -12.03 -14.25 -21.52
C ILE C 64 -11.30 -15.55 -21.82
N LEU C 65 -11.62 -16.16 -22.97
CA LEU C 65 -10.98 -17.41 -23.37
C LEU C 65 -10.19 -17.18 -24.65
N VAL C 66 -8.90 -16.96 -24.47
CA VAL C 66 -7.99 -16.67 -25.57
C VAL C 66 -7.12 -17.89 -25.90
N ASP C 67 -7.16 -18.30 -27.17
CA ASP C 67 -6.39 -19.46 -27.62
C ASP C 67 -6.38 -19.63 -29.14
N LEU C 68 -5.23 -20.00 -29.68
CA LEU C 68 -5.05 -20.19 -31.11
C LEU C 68 -5.22 -21.65 -31.56
N GLU C 69 -5.72 -22.48 -30.66
CA GLU C 69 -5.93 -23.90 -30.94
C GLU C 69 -7.41 -24.16 -30.66
N PRO C 70 -8.18 -24.37 -31.72
CA PRO C 70 -9.60 -24.63 -31.49
C PRO C 70 -9.84 -25.79 -30.52
N GLY C 71 -9.51 -27.02 -30.93
CA GLY C 71 -9.70 -28.19 -30.08
C GLY C 71 -9.78 -27.95 -28.59
N THR C 72 -8.89 -27.11 -28.06
CA THR C 72 -8.87 -26.81 -26.64
C THR C 72 -10.20 -26.23 -26.16
N MET C 73 -10.42 -24.95 -26.47
CA MET C 73 -11.66 -24.28 -26.06
C MET C 73 -12.88 -25.10 -26.48
N ASP C 74 -12.69 -25.95 -27.48
CA ASP C 74 -13.76 -26.82 -27.97
C ASP C 74 -13.85 -28.12 -27.18
N SER C 75 -13.12 -28.16 -26.07
CA SER C 75 -13.11 -29.30 -25.16
C SER C 75 -13.66 -28.76 -23.85
N VAL C 76 -13.33 -27.49 -23.62
CA VAL C 76 -13.79 -26.79 -22.43
C VAL C 76 -15.22 -26.34 -22.66
N ARG C 77 -15.57 -26.10 -23.92
CA ARG C 77 -16.92 -25.67 -24.24
C ARG C 77 -17.83 -26.85 -24.56
N SER C 78 -17.25 -28.05 -24.70
CA SER C 78 -18.04 -29.23 -25.01
C SER C 78 -18.14 -30.22 -23.85
N GLY C 79 -17.72 -29.80 -22.67
CA GLY C 79 -17.77 -30.67 -21.50
C GLY C 79 -18.76 -30.23 -20.44
N PRO C 80 -18.36 -30.26 -19.16
CA PRO C 80 -19.24 -29.85 -18.05
C PRO C 80 -19.71 -28.39 -18.13
N PHE C 81 -19.27 -27.58 -17.17
CA PHE C 81 -19.64 -26.17 -17.11
C PHE C 81 -19.34 -25.40 -18.40
N GLY C 82 -18.79 -26.10 -19.39
CA GLY C 82 -18.44 -25.44 -20.63
C GLY C 82 -19.52 -24.61 -21.30
N GLN C 83 -20.79 -24.86 -20.98
CA GLN C 83 -21.88 -24.12 -21.63
C GLN C 83 -22.45 -22.97 -20.80
N ILE C 84 -21.60 -22.27 -20.07
CA ILE C 84 -22.04 -21.14 -19.24
C ILE C 84 -21.43 -19.85 -19.77
N PHE C 85 -20.31 -19.97 -20.47
CA PHE C 85 -19.65 -18.81 -21.03
C PHE C 85 -20.46 -18.34 -22.23
N ARG C 86 -20.69 -17.04 -22.34
CA ARG C 86 -21.41 -16.52 -23.50
C ARG C 86 -20.39 -16.71 -24.62
N PRO C 87 -20.82 -17.22 -25.79
CA PRO C 87 -19.91 -17.44 -26.92
C PRO C 87 -19.03 -16.25 -27.25
N ASP C 88 -19.52 -15.07 -26.96
CA ASP C 88 -18.81 -13.84 -27.21
C ASP C 88 -17.44 -13.90 -26.50
N ASN C 89 -17.39 -14.64 -25.40
CA ASN C 89 -16.17 -14.80 -24.59
C ASN C 89 -15.05 -15.54 -25.31
N PHE C 90 -15.42 -16.49 -26.17
CA PHE C 90 -14.44 -17.29 -26.89
C PHE C 90 -13.68 -16.53 -27.98
N VAL C 91 -12.48 -16.06 -27.67
CA VAL C 91 -11.70 -15.37 -28.69
C VAL C 91 -10.66 -16.37 -29.17
N PHE C 92 -11.06 -17.17 -30.15
CA PHE C 92 -10.22 -18.21 -30.72
C PHE C 92 -9.34 -17.70 -31.87
N GLY C 93 -8.36 -18.51 -32.24
CA GLY C 93 -7.49 -18.16 -33.34
C GLY C 93 -7.22 -19.47 -34.04
N GLN C 94 -8.13 -19.88 -34.92
CA GLN C 94 -8.00 -21.16 -35.63
C GLN C 94 -6.67 -21.35 -36.35
N SER C 95 -5.83 -20.32 -36.32
CA SER C 95 -4.51 -20.38 -36.95
C SER C 95 -3.73 -21.58 -36.41
N GLY C 96 -2.43 -21.62 -36.70
CA GLY C 96 -1.62 -22.70 -36.18
C GLY C 96 -1.09 -22.23 -34.84
N ALA C 97 -1.68 -22.69 -33.74
CA ALA C 97 -1.26 -22.26 -32.41
C ALA C 97 0.16 -22.69 -32.04
N GLY C 98 1.07 -22.65 -33.01
CA GLY C 98 2.45 -23.06 -32.79
C GLY C 98 2.97 -22.77 -31.40
N ASN C 99 3.81 -23.66 -30.91
CA ASN C 99 4.37 -23.54 -29.56
C ASN C 99 5.44 -22.47 -29.41
N ASN C 100 5.34 -21.45 -30.24
CA ASN C 100 6.32 -20.38 -30.23
C ASN C 100 5.81 -19.08 -29.60
N TRP C 101 6.55 -18.61 -28.60
CA TRP C 101 6.22 -17.36 -27.90
C TRP C 101 6.06 -16.28 -28.95
N ALA C 102 6.94 -16.33 -29.94
CA ALA C 102 6.95 -15.37 -31.00
C ALA C 102 5.76 -15.56 -31.90
N LYS C 103 5.27 -16.79 -32.02
CA LYS C 103 4.13 -17.03 -32.90
C LYS C 103 2.81 -16.59 -32.31
N GLY C 104 2.77 -16.41 -30.99
CA GLY C 104 1.54 -15.98 -30.37
C GLY C 104 1.64 -14.57 -29.77
N HIS C 105 2.75 -13.90 -30.02
CA HIS C 105 2.94 -12.57 -29.47
C HIS C 105 3.20 -11.56 -30.55
N TYR C 106 3.82 -11.96 -31.66
CA TYR C 106 4.12 -11.03 -32.74
C TYR C 106 3.44 -11.31 -34.08
N THR C 107 3.33 -12.58 -34.43
CA THR C 107 2.78 -12.90 -35.71
C THR C 107 1.38 -13.41 -35.75
N GLU C 108 1.09 -14.45 -35.00
CA GLU C 108 -0.24 -15.00 -35.03
C GLU C 108 -1.15 -14.33 -34.00
N GLY C 109 -0.68 -14.23 -32.76
CA GLY C 109 -1.51 -13.64 -31.73
C GLY C 109 -1.80 -12.16 -31.93
N ALA C 110 -0.81 -11.43 -32.42
CA ALA C 110 -0.97 -10.00 -32.62
C ALA C 110 -2.21 -9.65 -33.43
N GLU C 111 -2.69 -10.58 -34.24
CA GLU C 111 -3.87 -10.31 -35.04
C GLU C 111 -5.11 -10.47 -34.18
N LEU C 112 -5.21 -11.62 -33.54
CA LEU C 112 -6.34 -11.96 -32.70
C LEU C 112 -6.51 -11.04 -31.49
N VAL C 113 -5.48 -10.24 -31.21
CA VAL C 113 -5.50 -9.34 -30.07
C VAL C 113 -6.62 -8.31 -30.08
N ASP C 114 -6.71 -7.52 -31.15
CA ASP C 114 -7.73 -6.49 -31.28
C ASP C 114 -9.13 -7.08 -31.04
N SER C 115 -9.37 -8.28 -31.56
CA SER C 115 -10.67 -8.93 -31.39
C SER C 115 -10.83 -9.45 -29.96
N VAL C 116 -9.80 -9.25 -29.15
CA VAL C 116 -9.85 -9.67 -27.75
C VAL C 116 -10.10 -8.39 -26.99
N LEU C 117 -9.14 -7.45 -27.06
CA LEU C 117 -9.26 -6.18 -26.35
C LEU C 117 -10.69 -5.65 -26.47
N ASP C 118 -11.27 -5.90 -27.63
CA ASP C 118 -12.63 -5.49 -27.95
C ASP C 118 -13.53 -5.96 -26.82
N VAL C 119 -13.48 -7.26 -26.55
CA VAL C 119 -14.28 -7.84 -25.51
C VAL C 119 -13.81 -7.45 -24.11
N VAL C 120 -12.50 -7.50 -23.87
CA VAL C 120 -11.99 -7.14 -22.55
C VAL C 120 -12.50 -5.75 -22.15
N ARG C 121 -13.00 -4.99 -23.13
CA ARG C 121 -13.56 -3.66 -22.91
C ARG C 121 -15.06 -3.79 -22.72
N LYS C 122 -15.67 -4.71 -23.47
CA LYS C 122 -17.10 -4.92 -23.34
C LYS C 122 -17.39 -5.40 -21.91
N GLU C 123 -16.45 -6.17 -21.35
CA GLU C 123 -16.60 -6.71 -20.01
C GLU C 123 -16.21 -5.71 -18.94
N SER C 124 -15.19 -4.91 -19.22
CA SER C 124 -14.73 -3.91 -18.25
C SER C 124 -15.79 -2.83 -18.07
N GLU C 125 -16.34 -2.38 -19.19
CA GLU C 125 -17.37 -1.35 -19.20
C GLU C 125 -18.72 -1.96 -18.87
N SER C 126 -18.69 -3.16 -18.29
CA SER C 126 -19.90 -3.85 -17.88
C SER C 126 -20.66 -2.87 -17.02
N CYS C 127 -20.35 -2.88 -15.73
CA CYS C 127 -21.00 -1.97 -14.80
C CYS C 127 -20.17 -1.73 -13.54
N ASP C 128 -20.79 -1.02 -12.59
CA ASP C 128 -20.20 -0.64 -11.33
C ASP C 128 -18.75 -0.20 -11.49
N CYS C 129 -17.88 -0.63 -10.58
CA CYS C 129 -16.47 -0.26 -10.62
C CYS C 129 -15.56 -1.47 -10.74
N LEU C 130 -14.65 -1.40 -11.71
CA LEU C 130 -13.69 -2.46 -11.95
C LEU C 130 -12.51 -2.36 -10.97
N GLN C 131 -12.09 -3.53 -10.54
CA GLN C 131 -10.96 -3.67 -9.59
C GLN C 131 -9.69 -4.06 -10.35
N GLY C 132 -9.77 -5.18 -11.04
CA GLY C 132 -8.65 -5.72 -11.83
C GLY C 132 -9.08 -6.97 -12.61
N PHE C 133 -8.09 -7.58 -13.24
CA PHE C 133 -8.29 -8.80 -14.06
C PHE C 133 -7.40 -9.95 -13.59
N GLN C 134 -8.01 -11.13 -13.59
CA GLN C 134 -7.32 -12.39 -13.25
C GLN C 134 -6.78 -12.99 -14.55
N LEU C 135 -5.56 -13.45 -14.50
CA LEU C 135 -4.91 -14.00 -15.69
C LEU C 135 -4.26 -15.36 -15.39
N THR C 136 -4.73 -16.35 -16.13
CA THR C 136 -4.24 -17.73 -16.04
C THR C 136 -3.55 -18.09 -17.36
N HIS C 137 -2.48 -18.83 -17.23
CA HIS C 137 -1.69 -19.28 -18.38
C HIS C 137 -0.42 -19.97 -17.90
N SER C 138 0.29 -20.48 -18.88
CA SER C 138 1.57 -21.17 -18.68
C SER C 138 2.64 -20.45 -19.46
N LEU C 139 3.79 -20.27 -18.83
CA LEU C 139 4.90 -19.60 -19.45
C LEU C 139 5.76 -20.55 -20.25
N GLY C 140 5.15 -21.61 -20.74
CA GLY C 140 5.88 -22.59 -21.53
C GLY C 140 5.19 -22.99 -22.83
N GLY C 141 4.73 -21.98 -23.57
CA GLY C 141 4.04 -22.23 -24.84
C GLY C 141 3.69 -20.95 -25.59
N GLY C 142 3.02 -21.09 -26.72
CA GLY C 142 2.65 -19.93 -27.50
C GLY C 142 1.48 -19.16 -26.93
N THR C 143 0.28 -19.65 -27.16
CA THR C 143 -0.93 -19.00 -26.67
C THR C 143 -0.89 -18.61 -25.19
N GLY C 144 0.09 -19.14 -24.47
CA GLY C 144 0.16 -18.86 -23.07
C GLY C 144 1.06 -17.69 -22.75
N SER C 145 2.36 -17.90 -22.89
CA SER C 145 3.35 -16.88 -22.59
C SER C 145 3.34 -15.72 -23.55
N GLY C 146 3.30 -16.01 -24.84
CA GLY C 146 3.32 -14.94 -25.82
C GLY C 146 2.04 -14.16 -25.92
N MET C 147 0.99 -14.77 -26.45
CA MET C 147 -0.28 -14.10 -26.61
C MET C 147 -0.96 -13.60 -25.34
N GLY C 148 -0.76 -14.30 -24.23
CA GLY C 148 -1.36 -13.89 -22.98
C GLY C 148 -0.55 -12.77 -22.36
N THR C 149 0.75 -12.80 -22.63
CA THR C 149 1.64 -11.80 -22.11
C THR C 149 1.46 -10.53 -22.90
N LEU C 150 0.78 -10.64 -24.03
CA LEU C 150 0.50 -9.46 -24.84
C LEU C 150 -0.81 -8.88 -24.31
N LEU C 151 -1.78 -9.76 -24.13
CA LEU C 151 -3.08 -9.36 -23.65
C LEU C 151 -2.94 -8.44 -22.48
N ILE C 152 -1.95 -8.68 -21.63
CA ILE C 152 -1.79 -7.81 -20.47
C ILE C 152 -1.10 -6.51 -20.82
N SER C 153 -0.03 -6.59 -21.60
CA SER C 153 0.71 -5.39 -21.98
C SER C 153 -0.24 -4.35 -22.56
N LYS C 154 -1.36 -4.84 -23.10
CA LYS C 154 -2.40 -3.99 -23.69
C LYS C 154 -3.36 -3.57 -22.59
N ILE C 155 -3.76 -4.53 -21.77
CA ILE C 155 -4.65 -4.25 -20.67
C ILE C 155 -4.05 -3.12 -19.80
N ARG C 156 -2.78 -3.27 -19.41
CA ARG C 156 -2.05 -2.29 -18.58
C ARG C 156 -1.77 -0.95 -19.24
N GLU C 157 -2.36 -0.72 -20.39
CA GLU C 157 -2.15 0.53 -21.11
C GLU C 157 -3.51 1.16 -21.17
N GLU C 158 -4.50 0.29 -21.04
CA GLU C 158 -5.89 0.67 -21.08
C GLU C 158 -6.47 1.04 -19.71
N TYR C 159 -5.91 0.49 -18.65
CA TYR C 159 -6.38 0.82 -17.33
C TYR C 159 -5.27 0.67 -16.31
N PRO C 160 -4.23 1.50 -16.42
CA PRO C 160 -3.09 1.43 -15.48
C PRO C 160 -3.52 1.72 -14.03
N ASP C 161 -4.84 1.70 -13.83
CA ASP C 161 -5.45 1.91 -12.53
C ASP C 161 -5.88 0.59 -11.92
N ARG C 162 -6.72 -0.15 -12.64
CA ARG C 162 -7.19 -1.42 -12.15
C ARG C 162 -5.99 -2.36 -12.03
N ILE C 163 -6.05 -3.27 -11.05
CA ILE C 163 -4.96 -4.22 -10.82
C ILE C 163 -4.87 -5.37 -11.82
N MET C 164 -3.80 -6.16 -11.67
CA MET C 164 -3.52 -7.29 -12.54
C MET C 164 -2.84 -8.48 -11.86
N ASN C 165 -3.66 -9.41 -11.40
CA ASN C 165 -3.13 -10.59 -10.76
C ASN C 165 -2.80 -11.54 -11.88
N THR C 166 -1.67 -12.21 -11.76
CA THR C 166 -1.28 -13.15 -12.78
C THR C 166 -0.98 -14.49 -12.15
N PHE C 167 -1.63 -15.52 -12.67
CA PHE C 167 -1.43 -16.89 -12.22
C PHE C 167 -0.64 -17.60 -13.32
N SER C 168 0.66 -17.70 -13.09
CA SER C 168 1.57 -18.35 -14.04
C SER C 168 2.04 -19.74 -13.61
N VAL C 169 2.10 -20.62 -14.58
CA VAL C 169 2.55 -21.97 -14.34
C VAL C 169 4.00 -22.06 -14.79
N VAL C 170 4.85 -21.37 -14.06
CA VAL C 170 6.29 -21.36 -14.33
C VAL C 170 6.76 -22.79 -14.61
N PRO C 171 7.63 -22.96 -15.61
CA PRO C 171 8.22 -24.23 -16.03
C PRO C 171 8.81 -25.03 -14.89
N SER C 172 8.16 -26.14 -14.58
CA SER C 172 8.60 -27.02 -13.51
C SER C 172 10.03 -27.47 -13.78
N PRO C 173 10.81 -27.68 -12.70
CA PRO C 173 12.19 -28.12 -12.86
C PRO C 173 12.40 -29.54 -13.40
N LYS C 174 12.64 -30.49 -12.49
CA LYS C 174 12.86 -31.90 -12.84
C LYS C 174 12.63 -32.25 -14.32
N VAL C 175 11.41 -32.10 -14.79
CA VAL C 175 11.09 -32.40 -16.20
C VAL C 175 10.26 -31.31 -16.85
N SER C 176 10.65 -30.91 -18.04
CA SER C 176 9.92 -29.87 -18.77
C SER C 176 8.94 -30.46 -19.77
N ASP C 177 7.68 -30.11 -19.62
CA ASP C 177 6.63 -30.62 -20.47
C ASP C 177 6.64 -30.05 -21.86
N THR C 178 7.76 -29.41 -22.20
CA THR C 178 8.01 -28.82 -23.51
C THR C 178 9.52 -28.72 -23.69
N VAL C 179 9.98 -28.27 -24.84
CA VAL C 179 11.42 -28.20 -25.08
C VAL C 179 12.03 -26.83 -25.09
N VAL C 180 11.35 -25.88 -25.68
CA VAL C 180 11.88 -24.52 -25.75
C VAL C 180 11.54 -23.80 -24.45
N GLU C 181 10.62 -24.40 -23.70
CA GLU C 181 10.17 -23.90 -22.41
C GLU C 181 10.83 -22.61 -21.92
N PRO C 182 12.15 -22.63 -21.62
CA PRO C 182 12.84 -21.42 -21.15
C PRO C 182 12.74 -20.24 -22.12
N TYR C 183 12.50 -20.55 -23.38
CA TYR C 183 12.34 -19.54 -24.41
C TYR C 183 10.98 -18.89 -24.20
N ASN C 184 9.93 -19.69 -24.30
CA ASN C 184 8.59 -19.18 -24.09
C ASN C 184 8.46 -18.55 -22.70
N ALA C 185 9.23 -19.05 -21.74
CA ALA C 185 9.17 -18.56 -20.36
C ALA C 185 9.89 -17.24 -20.17
N THR C 186 11.21 -17.28 -20.24
CA THR C 186 11.99 -16.08 -20.05
C THR C 186 11.32 -14.90 -20.74
N LEU C 187 10.77 -15.16 -21.92
CA LEU C 187 10.10 -14.11 -22.68
C LEU C 187 8.81 -13.59 -22.07
N SER C 188 8.09 -14.45 -21.36
CA SER C 188 6.84 -14.02 -20.77
C SER C 188 7.05 -13.40 -19.40
N VAL C 189 7.97 -13.92 -18.60
CA VAL C 189 8.26 -13.36 -17.27
C VAL C 189 8.64 -11.89 -17.44
N HIS C 190 9.41 -11.65 -18.48
CA HIS C 190 9.88 -10.34 -18.89
C HIS C 190 8.66 -9.40 -18.89
N GLN C 191 7.66 -9.76 -19.70
CA GLN C 191 6.40 -9.00 -19.86
C GLN C 191 5.65 -8.85 -18.54
N LEU C 192 5.76 -9.85 -17.69
CA LEU C 192 5.09 -9.87 -16.39
C LEU C 192 5.69 -8.85 -15.41
N VAL C 193 7.01 -8.92 -15.21
CA VAL C 193 7.77 -8.03 -14.32
C VAL C 193 7.52 -6.59 -14.68
N GLU C 194 6.74 -6.37 -15.73
CA GLU C 194 6.53 -5.02 -16.18
C GLU C 194 5.14 -4.61 -16.60
N ASN C 195 4.15 -5.35 -16.12
CA ASN C 195 2.76 -5.03 -16.40
C ASN C 195 1.88 -5.48 -15.24
N THR C 196 1.61 -6.77 -15.09
CA THR C 196 0.81 -7.23 -13.95
C THR C 196 1.49 -6.82 -12.64
N ASP C 197 0.74 -6.65 -11.55
CA ASP C 197 1.35 -6.25 -10.28
C ASP C 197 1.17 -7.21 -9.12
N GLU C 198 0.80 -8.45 -9.44
CA GLU C 198 0.60 -9.54 -8.49
C GLU C 198 0.60 -10.83 -9.30
N THR C 199 1.62 -11.66 -9.10
CA THR C 199 1.73 -12.92 -9.84
C THR C 199 1.82 -14.10 -8.89
N TYR C 200 1.00 -15.10 -9.14
CA TYR C 200 1.03 -16.31 -8.31
C TYR C 200 1.53 -17.52 -9.16
N CYS C 201 2.82 -17.81 -9.01
CA CYS C 201 3.51 -18.88 -9.73
C CYS C 201 3.31 -20.27 -9.17
N ILE C 202 2.74 -21.14 -9.99
CA ILE C 202 2.46 -22.50 -9.61
C ILE C 202 3.32 -23.46 -10.43
N ASP C 203 3.71 -24.59 -9.83
CA ASP C 203 4.58 -25.57 -10.51
C ASP C 203 3.97 -26.97 -10.55
N ASN C 204 3.64 -27.41 -11.75
CA ASN C 204 3.03 -28.72 -11.93
C ASN C 204 3.65 -29.83 -11.08
N GLU C 205 4.93 -29.71 -10.74
CA GLU C 205 5.61 -30.74 -9.93
C GLU C 205 5.65 -30.38 -8.43
N ALA C 206 5.43 -29.12 -8.11
CA ALA C 206 5.42 -28.73 -6.72
C ALA C 206 4.05 -29.22 -6.26
N LEU C 207 3.12 -29.28 -7.21
CA LEU C 207 1.76 -29.74 -6.97
C LEU C 207 1.75 -31.24 -6.81
N TYR C 208 2.25 -31.95 -7.80
CA TYR C 208 2.31 -33.39 -7.72
C TYR C 208 2.72 -33.70 -6.31
N ASP C 209 3.95 -33.35 -5.97
CA ASP C 209 4.47 -33.59 -4.63
C ASP C 209 3.38 -33.31 -3.62
N ILE C 210 3.06 -32.04 -3.45
CA ILE C 210 2.05 -31.60 -2.51
C ILE C 210 0.71 -32.32 -2.70
N CYS C 211 0.56 -33.01 -3.82
CA CYS C 211 -0.67 -33.70 -4.14
C CYS C 211 -0.57 -35.21 -4.03
N PHE C 212 0.65 -35.72 -3.97
CA PHE C 212 0.87 -37.15 -3.87
C PHE C 212 1.40 -37.56 -2.47
N ARG C 213 1.81 -36.58 -1.68
CA ARG C 213 2.29 -36.88 -0.35
C ARG C 213 1.48 -36.14 0.73
N THR C 214 0.82 -35.05 0.34
CA THR C 214 0.01 -34.28 1.27
C THR C 214 -1.46 -34.64 1.06
N LEU C 215 -1.66 -35.49 0.07
CA LEU C 215 -2.94 -36.06 -0.33
C LEU C 215 -2.39 -37.38 -0.83
N LYS C 216 -2.54 -38.43 -0.05
CA LYS C 216 -2.01 -39.74 -0.44
C LYS C 216 -2.43 -40.08 -1.87
N LEU C 217 -3.06 -39.13 -2.56
CA LEU C 217 -3.50 -39.30 -3.94
C LEU C 217 -2.43 -39.96 -4.82
N THR C 218 -2.73 -41.16 -5.31
CA THR C 218 -1.79 -41.92 -6.13
C THR C 218 -1.83 -41.62 -7.65
N THR C 219 -3.01 -41.22 -8.15
CA THR C 219 -3.14 -40.87 -9.56
C THR C 219 -3.59 -39.42 -9.74
N PRO C 220 -2.69 -38.48 -9.47
CA PRO C 220 -3.01 -37.06 -9.59
C PRO C 220 -3.13 -36.59 -11.03
N THR C 221 -4.33 -36.73 -11.57
CA THR C 221 -4.56 -36.29 -12.94
C THR C 221 -4.38 -34.77 -13.00
N TYR C 222 -4.31 -34.21 -14.21
CA TYR C 222 -4.18 -32.77 -14.33
C TYR C 222 -5.37 -32.12 -13.64
N GLY C 223 -6.57 -32.57 -14.00
CA GLY C 223 -7.77 -32.02 -13.41
C GLY C 223 -7.55 -31.68 -11.95
N ASP C 224 -6.86 -32.58 -11.27
CA ASP C 224 -6.57 -32.41 -9.86
C ASP C 224 -5.70 -31.18 -9.68
N LEU C 225 -4.44 -31.27 -10.09
CA LEU C 225 -3.52 -30.16 -9.96
C LEU C 225 -4.31 -28.88 -10.13
N ASN C 226 -4.92 -28.76 -11.31
CA ASN C 226 -5.72 -27.59 -11.64
C ASN C 226 -6.67 -27.29 -10.49
N HIS C 227 -7.41 -28.30 -10.10
CA HIS C 227 -8.36 -28.18 -9.01
C HIS C 227 -7.73 -27.59 -7.74
N LEU C 228 -6.56 -28.08 -7.37
CA LEU C 228 -5.87 -27.58 -6.19
C LEU C 228 -5.56 -26.10 -6.34
N VAL C 229 -4.99 -25.77 -7.49
CA VAL C 229 -4.62 -24.38 -7.80
C VAL C 229 -5.84 -23.47 -7.65
N SER C 230 -6.86 -23.81 -8.43
CA SER C 230 -8.12 -23.07 -8.46
C SER C 230 -8.68 -22.86 -7.05
N ALA C 231 -8.25 -23.73 -6.16
CA ALA C 231 -8.68 -23.70 -4.75
C ALA C 231 -8.08 -22.48 -4.05
N THR C 232 -6.86 -22.17 -4.45
CA THR C 232 -6.08 -21.06 -3.87
C THR C 232 -6.56 -19.70 -4.42
N MET C 233 -6.77 -19.65 -5.72
CA MET C 233 -7.17 -18.41 -6.40
C MET C 233 -8.59 -18.00 -5.97
N SER C 234 -9.28 -18.93 -5.34
CA SER C 234 -10.65 -18.69 -4.84
C SER C 234 -10.58 -18.07 -3.44
N GLY C 235 -9.58 -18.52 -2.70
CA GLY C 235 -9.31 -18.05 -1.34
C GLY C 235 -8.84 -16.60 -1.40
N VAL C 236 -8.05 -16.33 -2.43
CA VAL C 236 -7.49 -15.00 -2.69
C VAL C 236 -8.61 -13.99 -2.94
N THR C 237 -8.96 -13.91 -4.20
CA THR C 237 -10.01 -12.99 -4.69
C THR C 237 -11.35 -13.26 -3.99
N THR C 238 -12.26 -13.78 -4.80
CA THR C 238 -13.64 -14.10 -4.41
C THR C 238 -13.84 -14.07 -2.90
N CYS C 239 -13.00 -14.82 -2.21
CA CYS C 239 -13.04 -14.90 -0.76
C CYS C 239 -13.14 -13.52 -0.13
N LEU C 240 -12.07 -12.75 -0.24
CA LEU C 240 -12.05 -11.42 0.34
C LEU C 240 -13.21 -10.53 -0.05
N ARG C 241 -13.94 -10.95 -1.07
CA ARG C 241 -15.10 -10.20 -1.50
C ARG C 241 -16.27 -10.70 -0.71
N PHE C 242 -15.94 -11.18 0.49
CA PHE C 242 -16.89 -11.69 1.46
C PHE C 242 -16.65 -10.85 2.70
N PRO C 243 -17.54 -10.94 3.68
CA PRO C 243 -17.37 -10.15 4.91
C PRO C 243 -16.21 -10.72 5.70
N GLY C 244 -15.90 -10.11 6.83
CA GLY C 244 -14.80 -10.59 7.66
C GLY C 244 -14.51 -9.62 8.79
N GLN C 245 -13.99 -10.12 9.89
CA GLN C 245 -13.68 -9.24 11.00
C GLN C 245 -12.68 -8.25 10.46
N LEU C 246 -11.73 -8.78 9.69
CA LEU C 246 -10.69 -7.97 9.07
C LEU C 246 -10.53 -8.40 7.63
N ASN C 247 -11.27 -7.78 6.73
CA ASN C 247 -11.17 -8.17 5.33
C ASN C 247 -10.27 -7.25 4.54
N ALA C 248 -9.74 -7.81 3.48
CA ALA C 248 -8.87 -7.09 2.58
C ALA C 248 -9.43 -7.32 1.18
N ASP C 249 -8.71 -6.87 0.15
CA ASP C 249 -9.14 -7.03 -1.23
C ASP C 249 -7.95 -6.72 -2.11
N LEU C 250 -7.82 -7.46 -3.22
CA LEU C 250 -6.71 -7.31 -4.16
C LEU C 250 -5.73 -6.22 -3.80
N ARG C 251 -6.21 -4.98 -3.69
CA ARG C 251 -5.28 -3.93 -3.34
C ARG C 251 -4.61 -4.18 -2.00
N LYS C 252 -5.38 -4.24 -0.90
CA LYS C 252 -4.76 -4.49 0.41
C LYS C 252 -3.67 -5.50 0.13
N LEU C 253 -4.06 -6.64 -0.44
CA LEU C 253 -3.13 -7.71 -0.78
C LEU C 253 -1.96 -7.15 -1.55
N ALA C 254 -2.24 -6.28 -2.49
CA ALA C 254 -1.18 -5.70 -3.28
C ALA C 254 -0.43 -4.65 -2.46
N VAL C 255 -1.14 -3.72 -1.86
CA VAL C 255 -0.51 -2.68 -1.10
C VAL C 255 0.12 -3.10 0.22
N ASN C 256 0.17 -4.40 0.48
CA ASN C 256 0.78 -4.90 1.72
C ASN C 256 1.83 -5.90 1.35
N MET C 257 1.81 -6.30 0.09
CA MET C 257 2.73 -7.33 -0.34
C MET C 257 3.82 -6.95 -1.28
N VAL C 258 3.71 -5.78 -1.90
CA VAL C 258 4.75 -5.40 -2.82
C VAL C 258 5.56 -4.23 -2.32
N PRO C 259 6.72 -4.50 -1.73
CA PRO C 259 7.54 -3.41 -1.23
C PRO C 259 8.14 -2.65 -2.39
N PHE C 260 8.55 -3.36 -3.43
CA PHE C 260 9.17 -2.67 -4.56
C PHE C 260 8.62 -3.04 -5.93
N PRO C 261 8.04 -2.06 -6.62
CA PRO C 261 7.41 -2.01 -7.94
C PRO C 261 7.65 -3.09 -8.97
N ARG C 262 8.69 -3.90 -8.82
CA ARG C 262 8.92 -4.96 -9.82
C ARG C 262 7.58 -5.59 -10.18
N LEU C 263 6.83 -5.90 -9.14
CA LEU C 263 5.51 -6.52 -9.21
C LEU C 263 5.65 -7.70 -8.28
N HIS C 264 6.82 -8.30 -8.31
CA HIS C 264 7.08 -9.43 -7.46
C HIS C 264 6.06 -10.54 -7.59
N PHE C 265 6.55 -11.75 -7.46
CA PHE C 265 5.74 -12.92 -7.60
C PHE C 265 5.66 -13.59 -6.26
N PHE C 266 4.52 -14.20 -6.02
CA PHE C 266 4.24 -14.87 -4.77
C PHE C 266 4.22 -16.37 -4.96
N MET C 267 3.76 -17.06 -3.93
CA MET C 267 3.69 -18.50 -3.97
C MET C 267 2.53 -18.82 -3.08
N PRO C 268 1.40 -19.22 -3.68
CA PRO C 268 0.20 -19.56 -2.92
C PRO C 268 0.22 -20.92 -2.20
N GLY C 269 -0.46 -20.99 -1.06
CA GLY C 269 -0.53 -22.19 -0.27
C GLY C 269 -1.90 -22.27 0.40
N PHE C 270 -2.54 -23.43 0.29
CA PHE C 270 -3.85 -23.62 0.88
C PHE C 270 -3.69 -24.16 2.30
N ALA C 271 -4.75 -24.05 3.10
CA ALA C 271 -4.69 -24.53 4.48
C ALA C 271 -5.03 -25.99 4.70
N PRO C 272 -6.32 -26.31 4.93
CA PRO C 272 -6.57 -27.73 5.16
C PRO C 272 -6.26 -28.55 3.95
N LEU C 273 -5.11 -29.21 3.97
CA LEU C 273 -4.75 -30.03 2.84
C LEU C 273 -4.51 -31.44 3.36
N THR C 274 -5.60 -32.07 3.80
CA THR C 274 -5.52 -33.43 4.35
C THR C 274 -6.18 -34.46 3.43
N SER C 275 -5.64 -35.66 3.38
CA SER C 275 -6.19 -36.74 2.55
C SER C 275 -7.63 -37.00 2.96
N ARG C 276 -8.46 -37.49 2.04
CA ARG C 276 -9.87 -37.71 2.35
C ARG C 276 -10.26 -38.38 3.66
N GLY C 277 -10.70 -39.64 3.60
CA GLY C 277 -11.11 -40.36 4.80
C GLY C 277 -10.29 -40.13 6.06
N SER C 278 -9.39 -41.04 6.36
CA SER C 278 -8.50 -41.00 7.52
C SER C 278 -8.11 -39.63 8.01
N GLN C 279 -7.02 -39.10 7.44
CA GLN C 279 -6.47 -37.81 7.79
C GLN C 279 -7.45 -36.80 8.38
N GLN C 280 -8.71 -36.82 7.92
CA GLN C 280 -9.82 -35.94 8.36
C GLN C 280 -9.74 -35.87 9.87
N TYR C 281 -8.59 -35.32 10.28
CA TYR C 281 -8.21 -35.16 11.66
C TYR C 281 -8.85 -33.96 12.29
N ARG C 282 -9.26 -33.00 11.48
CA ARG C 282 -9.91 -31.82 12.00
C ARG C 282 -8.93 -31.01 12.80
N ALA C 283 -7.67 -31.43 12.90
CA ALA C 283 -6.71 -30.63 13.64
C ALA C 283 -6.65 -29.38 12.78
N LEU C 284 -7.62 -28.49 13.01
CA LEU C 284 -7.71 -27.26 12.26
C LEU C 284 -8.04 -26.16 13.25
N THR C 285 -7.72 -26.33 14.53
CA THR C 285 -8.05 -25.29 15.51
C THR C 285 -7.53 -23.96 14.97
N VAL C 286 -6.31 -23.95 14.42
CA VAL C 286 -5.65 -22.80 13.81
C VAL C 286 -4.15 -23.01 13.80
N PRO C 287 -3.57 -23.37 14.95
CA PRO C 287 -2.12 -23.58 14.92
C PRO C 287 -1.85 -24.62 13.87
N GLU C 288 -2.88 -25.37 13.52
CA GLU C 288 -2.71 -26.42 12.55
C GLU C 288 -2.66 -25.86 11.16
N LEU C 289 -3.38 -24.76 10.93
CA LEU C 289 -3.36 -24.13 9.61
C LEU C 289 -2.05 -23.39 9.36
N THR C 290 -1.57 -22.68 10.38
CA THR C 290 -0.30 -21.98 10.22
C THR C 290 0.77 -23.04 10.17
N GLN C 291 0.57 -24.15 10.88
CA GLN C 291 1.56 -25.20 10.83
C GLN C 291 1.67 -25.50 9.33
N GLN C 292 0.53 -25.84 8.75
CA GLN C 292 0.46 -26.16 7.32
C GLN C 292 1.14 -25.04 6.53
N MET C 293 0.32 -24.09 6.06
CA MET C 293 0.75 -22.95 5.26
C MET C 293 2.23 -22.59 5.31
N PHE C 294 2.80 -22.47 6.50
CA PHE C 294 4.19 -22.07 6.62
C PHE C 294 5.28 -23.12 6.52
N ASP C 295 4.94 -24.34 6.15
CA ASP C 295 5.99 -25.36 6.02
C ASP C 295 6.56 -25.24 4.61
N ALA C 296 7.66 -25.94 4.36
CA ALA C 296 8.25 -25.92 3.03
C ALA C 296 7.21 -26.55 2.13
N LYS C 297 7.21 -27.87 2.03
CA LYS C 297 6.22 -28.53 1.21
C LYS C 297 4.92 -27.85 1.55
N ASN C 298 4.06 -27.74 0.56
CA ASN C 298 2.75 -27.11 0.68
C ASN C 298 2.78 -25.74 0.03
N MET C 299 3.93 -25.38 -0.53
CA MET C 299 4.06 -24.12 -1.24
C MET C 299 3.97 -24.46 -2.72
N MET C 300 2.85 -24.15 -3.35
CA MET C 300 2.66 -24.47 -4.77
C MET C 300 3.84 -24.13 -5.63
N ALA C 301 4.74 -23.30 -5.12
CA ALA C 301 5.93 -22.92 -5.85
C ALA C 301 6.88 -24.12 -5.85
N ALA C 302 7.96 -24.02 -6.61
CA ALA C 302 8.92 -25.12 -6.66
C ALA C 302 9.91 -24.92 -5.56
N CYS C 303 10.41 -23.70 -5.47
CA CYS C 303 11.39 -23.38 -4.46
C CYS C 303 10.83 -23.53 -3.07
N ASP C 304 11.74 -23.65 -2.11
CA ASP C 304 11.37 -23.80 -0.71
C ASP C 304 11.71 -22.55 0.10
N PRO C 305 10.69 -21.97 0.73
CA PRO C 305 10.82 -20.76 1.53
C PRO C 305 12.05 -20.81 2.42
N ARG C 306 12.24 -21.96 3.05
CA ARG C 306 13.36 -22.17 3.95
C ARG C 306 14.68 -21.79 3.29
N HIS C 307 14.63 -21.52 1.98
CA HIS C 307 15.82 -21.15 1.22
C HIS C 307 15.94 -19.66 0.93
N GLY C 308 15.20 -18.85 1.69
CA GLY C 308 15.24 -17.41 1.47
C GLY C 308 14.16 -16.66 2.21
N ARG C 309 14.55 -15.56 2.87
CA ARG C 309 13.64 -14.72 3.63
C ARG C 309 12.34 -14.41 2.91
N TYR C 310 11.44 -13.78 3.64
CA TYR C 310 10.16 -13.36 3.09
C TYR C 310 10.14 -11.84 3.18
N LEU C 311 9.33 -11.20 2.36
CA LEU C 311 9.21 -9.77 2.40
C LEU C 311 7.85 -9.53 2.97
N THR C 312 6.90 -10.29 2.48
CA THR C 312 5.54 -10.15 2.94
C THR C 312 4.85 -11.50 2.91
N VAL C 313 3.79 -11.58 3.69
CA VAL C 313 3.02 -12.80 3.77
C VAL C 313 1.60 -12.36 4.02
N ALA C 314 0.64 -13.10 3.48
CA ALA C 314 -0.74 -12.74 3.63
C ALA C 314 -1.56 -13.97 3.90
N ALA C 315 -1.83 -14.25 5.16
CA ALA C 315 -2.63 -15.40 5.49
C ALA C 315 -4.05 -14.94 5.34
N VAL C 316 -4.65 -15.25 4.21
CA VAL C 316 -6.02 -14.84 4.00
C VAL C 316 -6.92 -16.00 4.49
N PHE C 317 -7.23 -16.01 5.80
CA PHE C 317 -8.07 -17.05 6.38
C PHE C 317 -9.51 -16.76 6.03
N ARG C 318 -10.35 -17.81 6.05
CA ARG C 318 -11.77 -17.66 5.75
C ARG C 318 -12.59 -18.72 6.46
N GLY C 319 -12.87 -18.48 7.73
CA GLY C 319 -13.64 -19.41 8.57
C GLY C 319 -13.59 -18.84 9.97
N ARG C 320 -14.74 -18.76 10.64
CA ARG C 320 -14.81 -18.19 12.00
C ARG C 320 -13.69 -18.62 12.99
N MET C 321 -12.92 -17.62 13.42
CA MET C 321 -11.79 -17.80 14.35
C MET C 321 -11.54 -16.55 15.17
N SER C 322 -10.76 -16.71 16.22
CA SER C 322 -10.41 -15.63 17.14
C SER C 322 -9.33 -14.71 16.63
N MET C 323 -9.68 -13.45 16.44
CA MET C 323 -8.73 -12.45 15.99
C MET C 323 -7.57 -12.43 16.94
N LYS C 324 -7.67 -13.24 17.97
CA LYS C 324 -6.62 -13.36 18.97
C LYS C 324 -5.77 -14.57 18.62
N GLU C 325 -6.38 -15.73 18.45
CA GLU C 325 -5.61 -16.93 18.13
C GLU C 325 -5.04 -16.86 16.72
N VAL C 326 -5.45 -15.84 15.98
CA VAL C 326 -4.97 -15.63 14.63
C VAL C 326 -3.84 -14.65 14.74
N ASP C 327 -4.17 -13.45 15.19
CA ASP C 327 -3.18 -12.41 15.35
C ASP C 327 -2.02 -12.90 16.20
N GLU C 328 -2.29 -13.78 17.16
CA GLU C 328 -1.25 -14.32 18.02
C GLU C 328 -0.30 -15.28 17.32
N GLN C 329 -0.85 -16.40 16.87
CA GLN C 329 -0.08 -17.41 16.18
C GLN C 329 0.94 -16.76 15.25
N MET C 330 0.43 -15.96 14.32
CA MET C 330 1.24 -15.23 13.34
C MET C 330 2.54 -14.72 13.95
N LEU C 331 2.45 -14.29 15.20
CA LEU C 331 3.61 -13.75 15.90
C LEU C 331 4.69 -14.79 16.18
N ASN C 332 4.36 -15.78 17.01
CA ASN C 332 5.32 -16.82 17.34
C ASN C 332 5.97 -17.23 16.04
N VAL C 333 5.13 -17.44 15.02
CA VAL C 333 5.63 -17.83 13.72
C VAL C 333 6.69 -16.86 13.27
N GLN C 334 6.44 -15.58 13.49
CA GLN C 334 7.38 -14.53 13.10
C GLN C 334 8.62 -14.50 13.97
N ASN C 335 8.57 -15.16 15.11
CA ASN C 335 9.72 -15.18 16.01
C ASN C 335 10.48 -16.50 15.99
N LYS C 336 9.78 -17.61 15.77
CA LYS C 336 10.44 -18.90 15.70
C LYS C 336 11.32 -18.93 14.45
N ASN C 337 10.95 -18.11 13.48
CA ASN C 337 11.67 -18.08 12.21
C ASN C 337 12.21 -16.70 11.87
N SER C 338 12.54 -15.92 12.90
CA SER C 338 13.08 -14.57 12.68
C SER C 338 14.17 -14.65 11.63
N SER C 339 14.89 -15.77 11.65
CA SER C 339 15.97 -16.03 10.71
C SER C 339 15.49 -15.64 9.32
N TYR C 340 14.54 -16.39 8.78
CA TYR C 340 14.02 -16.07 7.47
C TYR C 340 12.64 -15.46 7.50
N PHE C 341 12.64 -14.13 7.37
CA PHE C 341 11.42 -13.35 7.41
C PHE C 341 11.75 -11.90 7.21
N VAL C 342 13.01 -11.62 6.83
CA VAL C 342 13.52 -10.26 6.60
C VAL C 342 13.21 -9.37 7.81
N GLU C 343 14.08 -8.43 8.11
CA GLU C 343 13.87 -7.60 9.29
C GLU C 343 13.34 -6.19 9.08
N TRP C 344 13.79 -5.51 8.04
CA TRP C 344 13.35 -4.14 7.81
C TRP C 344 11.85 -3.96 7.63
N ILE C 345 11.09 -4.97 8.03
CA ILE C 345 9.64 -4.93 8.02
C ILE C 345 9.26 -5.52 9.36
N PRO C 346 8.94 -4.65 10.32
CA PRO C 346 8.56 -5.13 11.64
C PRO C 346 7.47 -6.23 11.63
N ASN C 347 6.46 -6.07 10.78
CA ASN C 347 5.41 -7.07 10.71
C ASN C 347 5.16 -7.51 9.28
N ASN C 348 5.99 -8.41 8.79
CA ASN C 348 5.89 -8.91 7.43
C ASN C 348 4.50 -9.41 7.14
N VAL C 349 4.00 -10.22 8.04
CA VAL C 349 2.70 -10.82 7.87
C VAL C 349 1.52 -9.86 7.79
N LYS C 350 0.60 -10.18 6.88
CA LYS C 350 -0.61 -9.41 6.67
C LYS C 350 -1.74 -10.37 6.97
N THR C 351 -2.24 -10.32 8.19
CA THR C 351 -3.33 -11.18 8.59
C THR C 351 -4.60 -10.65 7.98
N ALA C 352 -5.35 -11.55 7.36
CA ALA C 352 -6.61 -11.23 6.73
C ALA C 352 -7.58 -12.22 7.27
N VAL C 353 -8.84 -11.82 7.44
CA VAL C 353 -9.81 -12.76 7.99
C VAL C 353 -11.25 -12.62 7.51
N CYS C 354 -11.63 -13.54 6.64
CA CYS C 354 -12.98 -13.59 6.10
C CYS C 354 -13.83 -14.23 7.20
N ASP C 355 -15.04 -14.64 6.84
CA ASP C 355 -15.93 -15.30 7.79
C ASP C 355 -16.32 -16.64 7.20
N ILE C 356 -17.21 -16.62 6.22
CA ILE C 356 -17.64 -17.87 5.60
C ILE C 356 -16.44 -18.59 5.01
N PRO C 357 -16.32 -19.90 5.27
CA PRO C 357 -15.22 -20.72 4.78
C PRO C 357 -15.54 -21.45 3.47
N PRO C 358 -14.60 -22.27 2.98
CA PRO C 358 -14.84 -22.99 1.74
C PRO C 358 -16.03 -23.92 1.93
N ARG C 359 -17.10 -23.59 1.22
CA ARG C 359 -18.36 -24.33 1.27
C ARG C 359 -18.40 -25.50 2.27
N GLY C 360 -17.80 -26.62 1.92
CA GLY C 360 -17.84 -27.78 2.80
C GLY C 360 -16.88 -27.90 3.97
N LEU C 361 -16.00 -26.93 4.13
CA LEU C 361 -15.01 -26.99 5.20
C LEU C 361 -15.33 -26.07 6.38
N LYS C 362 -14.71 -26.34 7.52
CA LYS C 362 -14.92 -25.53 8.73
C LYS C 362 -13.98 -24.34 8.83
N MET C 363 -12.73 -24.53 8.42
CA MET C 363 -11.74 -23.47 8.51
C MET C 363 -10.58 -23.68 7.55
N SER C 364 -10.30 -22.66 6.76
CA SER C 364 -9.21 -22.66 5.78
C SER C 364 -8.47 -21.31 5.84
N ALA C 365 -7.40 -21.20 5.05
CA ALA C 365 -6.59 -19.97 5.02
C ALA C 365 -5.58 -19.98 3.87
N THR C 366 -5.85 -19.15 2.88
CA THR C 366 -4.98 -19.04 1.74
C THR C 366 -3.71 -18.30 2.15
N PHE C 367 -2.59 -18.74 1.60
CA PHE C 367 -1.30 -18.15 1.90
C PHE C 367 -0.72 -17.57 0.63
N ILE C 368 -0.31 -16.31 0.70
CA ILE C 368 0.27 -15.66 -0.44
C ILE C 368 1.61 -15.13 0.01
N GLY C 369 2.66 -15.89 -0.24
CA GLY C 369 3.98 -15.47 0.18
C GLY C 369 4.85 -14.77 -0.83
N ASN C 370 5.48 -13.68 -0.40
CA ASN C 370 6.37 -12.93 -1.27
C ASN C 370 7.79 -13.18 -0.84
N SER C 371 8.22 -14.43 -0.86
CA SER C 371 9.58 -14.72 -0.41
C SER C 371 10.64 -14.56 -1.47
N THR C 372 11.83 -14.21 -0.98
CA THR C 372 13.01 -13.99 -1.78
C THR C 372 13.51 -15.32 -2.31
N ALA C 373 12.86 -16.38 -1.87
CA ALA C 373 13.25 -17.70 -2.31
C ALA C 373 13.00 -17.90 -3.78
N ILE C 374 11.97 -17.24 -4.30
CA ILE C 374 11.64 -17.41 -5.70
C ILE C 374 12.75 -16.91 -6.59
N GLN C 375 13.85 -16.53 -5.98
CA GLN C 375 15.02 -16.09 -6.72
C GLN C 375 15.51 -17.37 -7.40
N GLU C 376 15.64 -18.41 -6.60
CA GLU C 376 16.08 -19.71 -7.07
C GLU C 376 15.14 -20.40 -8.02
N LEU C 377 14.45 -19.65 -8.87
CA LEU C 377 13.57 -20.27 -9.85
C LEU C 377 13.78 -19.55 -11.15
N PHE C 378 13.81 -18.23 -11.06
CA PHE C 378 14.05 -17.43 -12.24
C PHE C 378 15.49 -17.71 -12.59
N LYS C 379 16.27 -18.12 -11.59
CA LYS C 379 17.66 -18.48 -11.82
C LYS C 379 17.56 -19.65 -12.77
N ARG C 380 16.91 -20.70 -12.29
CA ARG C 380 16.71 -21.92 -13.05
C ARG C 380 16.38 -21.55 -14.48
N ILE C 381 15.17 -21.02 -14.68
CA ILE C 381 14.71 -20.61 -15.98
C ILE C 381 15.84 -19.93 -16.72
N SER C 382 16.31 -18.82 -16.18
CA SER C 382 17.36 -18.04 -16.81
C SER C 382 18.55 -18.89 -17.21
N GLU C 383 18.89 -19.89 -16.40
CA GLU C 383 20.00 -20.77 -16.75
C GLU C 383 19.65 -21.50 -18.05
N GLN C 384 18.62 -22.33 -18.00
CA GLN C 384 18.16 -23.10 -19.16
C GLN C 384 18.25 -22.30 -20.45
N PHE C 385 17.90 -21.02 -20.37
CA PHE C 385 17.94 -20.15 -21.52
C PHE C 385 19.36 -20.14 -22.07
N THR C 386 20.22 -19.39 -21.40
CA THR C 386 21.62 -19.29 -21.77
C THR C 386 22.25 -20.59 -22.30
N ALA C 387 22.11 -21.67 -21.56
CA ALA C 387 22.68 -22.96 -21.96
C ALA C 387 22.25 -23.36 -23.36
N MET C 388 21.08 -22.87 -23.76
CA MET C 388 20.55 -23.17 -25.09
C MET C 388 20.56 -21.97 -26.01
N PHE C 389 20.49 -20.80 -25.42
CA PHE C 389 20.52 -19.63 -26.23
C PHE C 389 21.89 -19.66 -26.84
N ARG C 390 22.91 -19.77 -25.99
CA ARG C 390 24.27 -19.80 -26.49
C ARG C 390 24.38 -20.47 -27.86
N ARG C 391 23.65 -21.56 -28.09
CA ARG C 391 23.72 -22.25 -29.37
C ARG C 391 22.53 -21.94 -30.28
N LYS C 392 21.70 -20.97 -29.86
CA LYS C 392 20.53 -20.54 -30.63
C LYS C 392 19.61 -21.70 -30.97
N ALA C 393 19.68 -22.74 -30.15
CA ALA C 393 18.91 -23.96 -30.31
C ALA C 393 17.72 -23.85 -31.23
N PHE C 394 16.51 -23.85 -30.70
CA PHE C 394 15.35 -23.74 -31.58
C PHE C 394 15.00 -22.28 -31.76
N LEU C 395 15.98 -21.50 -32.18
CA LEU C 395 15.74 -20.10 -32.36
C LEU C 395 15.12 -19.77 -33.71
N HIS C 396 15.43 -20.57 -34.73
CA HIS C 396 14.87 -20.28 -36.05
C HIS C 396 13.34 -20.25 -36.08
N TRP C 397 12.71 -20.93 -35.13
CA TRP C 397 11.25 -20.96 -35.06
C TRP C 397 10.72 -19.66 -34.50
N TYR C 398 11.61 -18.85 -33.93
CA TYR C 398 11.21 -17.57 -33.39
C TYR C 398 11.49 -16.52 -34.45
N THR C 399 12.78 -16.33 -34.76
CA THR C 399 13.19 -15.36 -35.76
C THR C 399 12.37 -15.54 -37.04
N GLY C 400 12.34 -16.77 -37.55
CA GLY C 400 11.60 -17.06 -38.76
C GLY C 400 10.15 -16.62 -38.67
N GLU C 401 9.76 -16.20 -37.48
CA GLU C 401 8.41 -15.73 -37.23
C GLU C 401 8.44 -14.23 -37.01
N GLY C 402 9.52 -13.60 -37.45
CA GLY C 402 9.63 -12.17 -37.26
C GLY C 402 9.87 -11.89 -35.80
N MET C 403 11.11 -12.10 -35.38
CA MET C 403 11.53 -11.86 -34.01
C MET C 403 12.86 -11.12 -34.11
N ASP C 404 13.57 -11.03 -33.00
CA ASP C 404 14.84 -10.32 -32.99
C ASP C 404 15.85 -11.07 -32.11
N GLU C 405 17.13 -11.00 -32.49
CA GLU C 405 18.19 -11.65 -31.74
C GLU C 405 18.47 -10.83 -30.50
N MET C 406 17.95 -9.61 -30.49
CA MET C 406 18.11 -8.69 -29.37
C MET C 406 16.90 -8.80 -28.43
N GLU C 407 15.82 -9.40 -28.93
CA GLU C 407 14.62 -9.59 -28.13
C GLU C 407 14.87 -10.59 -27.00
N PHE C 408 15.46 -11.72 -27.38
CA PHE C 408 15.79 -12.75 -26.42
C PHE C 408 16.80 -12.21 -25.44
N THR C 409 17.77 -11.45 -25.95
CA THR C 409 18.79 -10.88 -25.10
C THR C 409 18.08 -10.07 -24.02
N GLU C 410 17.24 -9.16 -24.49
CA GLU C 410 16.46 -8.30 -23.64
C GLU C 410 15.83 -9.04 -22.46
N ALA C 411 14.86 -9.89 -22.77
CA ALA C 411 14.17 -10.65 -21.75
C ALA C 411 15.08 -11.31 -20.74
N GLU C 412 15.95 -12.19 -21.19
CA GLU C 412 16.84 -12.85 -20.26
C GLU C 412 17.42 -11.85 -19.29
N SER C 413 18.15 -10.88 -19.82
CA SER C 413 18.76 -9.86 -18.99
C SER C 413 17.73 -9.37 -18.00
N ASN C 414 16.71 -8.68 -18.48
CA ASN C 414 15.62 -8.17 -17.65
C ASN C 414 15.30 -9.16 -16.56
N MET C 415 14.66 -10.25 -16.95
CA MET C 415 14.29 -11.28 -15.98
C MET C 415 15.49 -11.75 -15.18
N ASN C 416 16.67 -11.69 -15.79
CA ASN C 416 17.90 -12.12 -15.13
C ASN C 416 18.27 -11.12 -14.02
N ASP C 417 18.09 -9.84 -14.31
CA ASP C 417 18.37 -8.78 -13.35
C ASP C 417 17.37 -8.95 -12.21
N LEU C 418 16.14 -9.28 -12.60
CA LEU C 418 15.05 -9.51 -11.66
C LEU C 418 15.45 -10.46 -10.54
N VAL C 419 16.36 -11.38 -10.87
CA VAL C 419 16.89 -12.36 -9.91
C VAL C 419 17.79 -11.58 -8.97
N SER C 420 18.67 -10.81 -9.56
CA SER C 420 19.60 -9.99 -8.83
C SER C 420 18.90 -9.26 -7.68
N GLU C 421 18.09 -8.30 -8.08
CA GLU C 421 17.33 -7.43 -7.16
C GLU C 421 16.80 -8.22 -5.94
N TYR C 422 16.01 -9.23 -6.25
CA TYR C 422 15.35 -10.07 -5.22
C TYR C 422 16.32 -10.51 -4.12
N GLN C 423 17.59 -10.55 -4.46
CA GLN C 423 18.64 -10.97 -3.51
C GLN C 423 19.01 -9.79 -2.61
N GLN C 424 18.80 -8.61 -3.14
CA GLN C 424 19.10 -7.34 -2.46
C GLN C 424 18.37 -7.24 -1.12
N TYR C 425 17.46 -8.16 -0.89
CA TYR C 425 16.65 -8.16 0.33
C TYR C 425 16.92 -9.40 1.17
N GLN C 426 17.25 -10.48 0.49
CA GLN C 426 17.63 -11.71 1.17
C GLN C 426 18.86 -11.39 2.02
N ASP C 427 19.44 -10.22 1.75
CA ASP C 427 20.62 -9.72 2.46
C ASP C 427 20.37 -8.33 3.04
#